data_4R9O
#
_entry.id   4R9O
#
_cell.length_a   150.692
_cell.length_b   86.868
_cell.length_c   74.162
_cell.angle_alpha   90.00
_cell.angle_beta   102.77
_cell.angle_gamma   90.00
#
_symmetry.space_group_name_H-M   'C 1 2 1'
#
loop_
_entity.id
_entity.type
_entity.pdbx_description
1 polymer 'Putative aldo/keto reductase'
2 water water
#
_entity_poly.entity_id   1
_entity_poly.type   'polypeptide(L)'
_entity_poly.pdbx_seq_one_letter_code
;SNAMVQRVTIAPQGPEFSRFVMGYWRLMDWNMSARQLVSFIEEHLDLGVTTVDHADIYGGYQCEAAFGEALTLAPHLREK
LQIVTKCGIATTARAENKLGHYITDRRHIILSAEQSLKNLATDYLDMLLIHRPDPLMDADDVAEAFQHLHQSGKVRHFGV
SNFTPAQFTLLQSRLPFTLATNQVEISPVHQPLLLDGTLDQLQQLRIRPMAWSCLGGGRLFNDEAYQPLRQELSVIAQEL
NASSIEQVVYAWILRLPSQPLPIIGSGKIERVRAALEAETLSLTRQQWFRIRKAALGYDVP
;
_entity_poly.pdbx_strand_id   A,B,C
#
# COMPACT_ATOMS: atom_id res chain seq x y z
N MET A 4 -7.66 32.09 28.61
CA MET A 4 -6.90 31.44 27.56
C MET A 4 -6.13 30.19 28.02
N VAL A 5 -5.41 29.57 27.09
CA VAL A 5 -4.84 28.23 27.26
C VAL A 5 -4.10 27.99 28.59
N GLN A 6 -4.43 26.87 29.23
CA GLN A 6 -3.84 26.49 30.51
C GLN A 6 -2.33 26.23 30.42
N ARG A 7 -1.62 26.56 31.51
CA ARG A 7 -0.21 26.20 31.69
C ARG A 7 -0.11 24.81 32.34
N VAL A 8 0.83 23.99 31.88
CA VAL A 8 0.94 22.60 32.32
C VAL A 8 2.41 22.19 32.51
N THR A 9 2.72 21.55 33.64
CA THR A 9 4.05 20.95 33.82
C THR A 9 4.02 19.54 33.29
N ILE A 10 4.85 19.25 32.29
CA ILE A 10 4.66 18.02 31.52
C ILE A 10 5.28 16.78 32.16
N ALA A 11 6.14 16.95 33.16
CA ALA A 11 6.82 15.83 33.79
C ALA A 11 7.39 16.23 35.15
N PRO A 12 7.75 15.24 35.99
CA PRO A 12 8.49 15.60 37.22
C PRO A 12 9.81 16.28 36.86
N GLN A 13 10.10 17.39 37.52
CA GLN A 13 11.23 18.26 37.16
C GLN A 13 11.19 18.70 35.72
N GLY A 14 10.01 18.72 35.11
CA GLY A 14 9.89 19.05 33.70
C GLY A 14 9.56 20.52 33.47
N PRO A 15 9.50 20.93 32.19
CA PRO A 15 9.18 22.33 31.88
C PRO A 15 7.69 22.62 32.01
N GLU A 16 7.35 23.89 32.00
CA GLU A 16 5.96 24.32 31.93
C GLU A 16 5.64 24.68 30.47
N PHE A 17 4.65 23.99 29.91
CA PHE A 17 4.20 24.22 28.54
C PHE A 17 2.77 24.74 28.52
N SER A 18 2.34 25.25 27.38
CA SER A 18 0.91 25.49 27.17
C SER A 18 0.25 24.14 26.87
N ARG A 19 -1.01 23.98 27.29
CA ARG A 19 -1.73 22.71 27.11
C ARG A 19 -1.83 22.32 25.63
N PHE A 20 -2.03 23.32 24.78
CA PHE A 20 -1.98 23.09 23.33
C PHE A 20 -0.65 23.58 22.77
N VAL A 21 -0.13 22.83 21.80
CA VAL A 21 1.15 23.11 21.18
C VAL A 21 0.98 23.47 19.70
N MET A 22 1.63 24.54 19.26
CA MET A 22 1.60 24.90 17.85
C MET A 22 2.68 24.13 17.08
N GLY A 23 2.26 23.32 16.11
CA GLY A 23 3.20 22.54 15.33
C GLY A 23 3.52 23.20 14.00
N TYR A 24 4.81 23.31 13.68
CA TYR A 24 5.23 23.99 12.48
C TYR A 24 5.71 23.10 11.33
N TRP A 25 5.34 21.82 11.35
CA TRP A 25 5.85 20.91 10.32
C TRP A 25 5.35 21.26 8.90
N ARG A 26 4.23 21.96 8.81
CA ARG A 26 3.65 22.35 7.52
C ARG A 26 4.01 23.78 7.09
N LEU A 27 4.92 24.42 7.82
CA LEU A 27 5.16 25.87 7.65
C LEU A 27 5.51 26.31 6.24
N MET A 28 6.30 25.50 5.53
CA MET A 28 6.69 25.84 4.17
C MET A 28 5.48 25.83 3.24
N ASP A 29 4.45 25.05 3.59
CA ASP A 29 3.27 24.97 2.74
C ASP A 29 2.36 26.18 2.91
N TRP A 30 2.51 26.92 4.02
CA TRP A 30 1.64 28.07 4.31
C TRP A 30 1.99 29.31 3.48
N ASN A 31 3.19 29.31 2.89
CA ASN A 31 3.67 30.44 2.08
C ASN A 31 3.56 31.79 2.81
N MET A 32 4.13 31.86 4.01
CA MET A 32 4.15 33.07 4.81
C MET A 32 5.48 33.79 4.68
N SER A 33 5.42 35.12 4.56
CA SER A 33 6.61 35.95 4.71
C SER A 33 7.07 35.87 6.16
N ALA A 34 8.30 36.30 6.43
CA ALA A 34 8.81 36.30 7.79
C ALA A 34 7.94 37.21 8.68
N ARG A 35 7.49 38.33 8.11
CA ARG A 35 6.66 39.27 8.87
C ARG A 35 5.24 38.75 9.10
N GLN A 36 4.70 38.03 8.12
CA GLN A 36 3.42 37.35 8.33
C GLN A 36 3.55 36.28 9.42
N LEU A 37 4.67 35.59 9.46
CA LEU A 37 4.88 34.55 10.48
C LEU A 37 5.01 35.17 11.87
N VAL A 38 5.70 36.32 11.95
CA VAL A 38 5.77 37.09 13.18
C VAL A 38 4.38 37.44 13.72
N SER A 39 3.47 37.84 12.83
CA SER A 39 2.11 38.20 13.24
C SER A 39 1.38 36.97 13.75
N PHE A 40 1.58 35.85 13.09
CA PHE A 40 0.94 34.58 13.48
C PHE A 40 1.40 34.11 14.87
N ILE A 41 2.70 34.14 15.11
CA ILE A 41 3.24 33.79 16.42
C ILE A 41 2.66 34.69 17.51
N GLU A 42 2.64 36.00 17.25
CA GLU A 42 2.07 36.94 18.20
C GLU A 42 0.60 36.63 18.45
N GLU A 43 -0.10 36.22 17.40
CA GLU A 43 -1.52 35.91 17.49
C GLU A 43 -1.77 34.68 18.36
N HIS A 44 -0.97 33.62 18.21
CA HIS A 44 -1.26 32.45 19.01
C HIS A 44 -0.67 32.63 20.42
N LEU A 45 0.38 33.43 20.55
CA LEU A 45 0.89 33.81 21.87
C LEU A 45 -0.19 34.52 22.69
N ASP A 46 -0.91 35.43 22.04
CA ASP A 46 -1.98 36.19 22.69
C ASP A 46 -3.13 35.28 23.13
N LEU A 47 -3.25 34.12 22.49
CA LEU A 47 -4.25 33.12 22.89
C LEU A 47 -3.73 32.20 23.99
N GLY A 48 -2.47 32.34 24.35
CA GLY A 48 -1.87 31.52 25.39
C GLY A 48 -1.13 30.30 24.87
N VAL A 49 -1.09 30.12 23.55
CA VAL A 49 -0.28 29.03 22.98
C VAL A 49 1.17 29.49 22.90
N THR A 50 2.02 28.95 23.78
CA THR A 50 3.40 29.39 23.88
C THR A 50 4.41 28.32 23.46
N THR A 51 4.01 27.05 23.54
CA THR A 51 4.91 25.95 23.17
C THR A 51 4.80 25.65 21.68
N VAL A 52 5.95 25.51 21.01
CA VAL A 52 5.97 25.28 19.57
C VAL A 52 6.85 24.09 19.22
N ASP A 53 6.47 23.39 18.15
CA ASP A 53 7.08 22.11 17.83
C ASP A 53 7.74 22.11 16.45
N HIS A 54 9.01 21.75 16.43
CA HIS A 54 9.84 21.77 15.23
C HIS A 54 10.57 20.44 15.08
N ALA A 55 11.25 20.25 13.95
CA ALA A 55 12.20 19.14 13.78
C ALA A 55 13.22 19.56 12.74
N ASP A 56 14.43 19.01 12.82
CA ASP A 56 15.43 19.36 11.84
C ASP A 56 14.93 19.05 10.41
N ILE A 57 14.23 17.93 10.22
CA ILE A 57 13.88 17.50 8.86
C ILE A 57 12.70 18.22 8.22
N TYR A 58 11.83 18.85 9.02
CA TYR A 58 10.57 19.38 8.48
C TYR A 58 10.77 20.36 7.31
N GLY A 59 9.93 20.19 6.29
CA GLY A 59 9.96 21.01 5.10
C GLY A 59 11.24 20.85 4.29
N GLY A 60 11.77 19.62 4.24
CA GLY A 60 13.02 19.40 3.57
C GLY A 60 14.14 20.20 4.24
N TYR A 61 14.13 20.18 5.58
CA TYR A 61 15.11 20.91 6.39
C TYR A 61 15.02 22.41 6.19
N GLN A 62 13.80 22.94 6.13
CA GLN A 62 13.63 24.37 5.91
C GLN A 62 12.78 25.09 6.95
N CYS A 63 11.95 24.35 7.71
CA CYS A 63 11.00 25.02 8.60
C CYS A 63 11.67 25.72 9.78
N GLU A 64 12.69 25.10 10.37
CA GLU A 64 13.43 25.73 11.47
C GLU A 64 14.01 27.09 11.07
N ALA A 65 14.67 27.13 9.91
CA ALA A 65 15.30 28.35 9.43
C ALA A 65 14.29 29.45 9.15
N ALA A 66 13.15 29.06 8.58
CA ALA A 66 12.08 30.02 8.31
C ALA A 66 11.55 30.62 9.62
N PHE A 67 11.45 29.79 10.66
CA PHE A 67 10.97 30.24 11.96
C PHE A 67 11.98 31.20 12.59
N GLY A 68 13.26 30.86 12.42
CA GLY A 68 14.35 31.73 12.84
C GLY A 68 14.37 33.10 12.21
N GLU A 69 13.96 33.20 10.94
CA GLU A 69 13.82 34.49 10.29
C GLU A 69 12.84 35.39 11.04
N ALA A 70 11.76 34.79 11.53
CA ALA A 70 10.76 35.51 12.31
C ALA A 70 11.34 35.99 13.64
N LEU A 71 12.08 35.12 14.31
CA LEU A 71 12.67 35.44 15.61
C LEU A 71 13.77 36.51 15.50
N THR A 72 14.46 36.61 14.37
CA THR A 72 15.47 37.68 14.27
C THR A 72 14.79 39.02 14.04
N LEU A 73 13.64 39.01 13.35
CA LEU A 73 12.87 40.23 13.16
C LEU A 73 12.22 40.68 14.47
N ALA A 74 11.86 39.72 15.30
CA ALA A 74 11.19 40.01 16.58
C ALA A 74 11.86 39.25 17.73
N PRO A 75 13.04 39.72 18.15
CA PRO A 75 13.88 39.06 19.17
C PRO A 75 13.19 38.92 20.54
N HIS A 76 12.18 39.74 20.79
CA HIS A 76 11.50 39.73 22.08
C HIS A 76 10.59 38.52 22.26
N LEU A 77 10.34 37.81 21.16
CA LEU A 77 9.43 36.66 21.20
C LEU A 77 10.02 35.43 21.88
N ARG A 78 11.33 35.22 21.71
CA ARG A 78 11.98 33.98 22.18
C ARG A 78 11.67 33.67 23.64
N GLU A 79 11.74 34.70 24.49
CA GLU A 79 11.55 34.51 25.92
C GLU A 79 10.12 34.08 26.27
N LYS A 80 9.21 34.29 25.35
CA LYS A 80 7.81 33.99 25.59
C LYS A 80 7.45 32.59 25.10
N LEU A 81 8.34 32.00 24.30
CA LEU A 81 8.10 30.69 23.67
C LEU A 81 8.84 29.57 24.36
N GLN A 82 8.30 28.36 24.26
CA GLN A 82 9.06 27.15 24.56
C GLN A 82 9.24 26.42 23.24
N ILE A 83 10.49 26.27 22.82
CA ILE A 83 10.78 25.66 21.54
C ILE A 83 11.17 24.19 21.70
N VAL A 84 10.41 23.32 21.05
CA VAL A 84 10.72 21.90 21.02
C VAL A 84 11.17 21.55 19.61
N THR A 85 12.31 20.88 19.46
CA THR A 85 12.67 20.34 18.16
C THR A 85 13.21 18.92 18.29
N LYS A 86 13.54 18.30 17.17
CA LYS A 86 13.88 16.87 17.18
C LYS A 86 15.04 16.57 16.27
N CYS A 87 15.59 15.37 16.43
CA CYS A 87 16.60 14.86 15.51
C CYS A 87 16.55 13.34 15.54
N GLY A 88 17.17 12.69 14.56
CA GLY A 88 17.17 11.24 14.51
C GLY A 88 16.86 10.67 13.12
N ILE A 89 16.12 11.44 12.33
CA ILE A 89 15.79 11.00 10.98
C ILE A 89 16.70 11.68 9.95
N ALA A 90 17.12 10.89 8.95
CA ALA A 90 17.88 11.41 7.83
C ALA A 90 17.11 11.17 6.55
N THR A 91 16.72 12.24 5.86
CA THR A 91 15.95 12.11 4.64
C THR A 91 16.78 12.44 3.42
N THR A 92 16.26 12.11 2.25
CA THR A 92 16.99 12.33 1.02
C THR A 92 16.86 13.74 0.48
N ALA A 93 16.27 14.65 1.26
CA ALA A 93 16.32 16.06 0.92
C ALA A 93 17.76 16.57 1.06
N ARG A 94 18.59 15.82 1.78
CA ARG A 94 20.03 16.07 1.79
C ARG A 94 20.76 15.09 0.87
N ALA A 95 21.67 15.62 0.06
CA ALA A 95 22.35 14.85 -0.98
C ALA A 95 23.15 13.67 -0.43
N GLU A 96 23.69 13.80 0.79
CA GLU A 96 24.50 12.74 1.42
C GLU A 96 23.67 11.49 1.71
N ASN A 97 22.38 11.70 1.93
CA ASN A 97 21.49 10.61 2.28
C ASN A 97 20.88 9.99 1.04
N LYS A 98 21.40 8.84 0.64
CA LYS A 98 20.95 8.15 -0.58
C LYS A 98 19.68 7.38 -0.36
N LEU A 99 19.34 7.16 0.91
CA LEU A 99 18.07 6.57 1.30
C LEU A 99 17.66 7.15 2.64
N GLY A 100 16.36 7.17 2.92
CA GLY A 100 15.89 7.58 4.22
C GLY A 100 16.34 6.56 5.25
N HIS A 101 16.89 7.04 6.36
CA HIS A 101 17.30 6.16 7.45
C HIS A 101 17.29 6.93 8.77
N TYR A 102 17.80 6.31 9.83
CA TYR A 102 17.94 6.96 11.13
C TYR A 102 19.40 7.17 11.49
N ILE A 103 19.67 8.23 12.25
CA ILE A 103 21.01 8.49 12.76
C ILE A 103 20.90 8.95 14.21
N THR A 104 21.35 8.14 15.15
CA THR A 104 21.23 8.53 16.55
C THR A 104 22.59 8.47 17.26
N ASP A 105 23.67 8.60 16.49
CA ASP A 105 25.03 8.61 17.05
C ASP A 105 25.27 9.91 17.81
N ARG A 106 26.15 9.87 18.79
CA ARG A 106 26.39 11.02 19.67
C ARG A 106 26.73 12.33 18.93
N ARG A 107 27.67 12.27 17.99
CA ARG A 107 28.08 13.49 17.29
C ARG A 107 26.94 14.08 16.46
N HIS A 108 26.15 13.24 15.81
CA HIS A 108 25.02 13.73 15.02
C HIS A 108 24.01 14.52 15.86
N ILE A 109 23.68 13.96 17.02
CA ILE A 109 22.73 14.60 17.93
C ILE A 109 23.20 16.00 18.32
N ILE A 110 24.45 16.11 18.75
CA ILE A 110 25.03 17.39 19.13
C ILE A 110 25.07 18.39 17.96
N LEU A 111 25.54 17.93 16.80
CA LEU A 111 25.61 18.79 15.61
C LEU A 111 24.23 19.19 15.15
N SER A 112 23.26 18.29 15.24
CA SER A 112 21.88 18.60 14.88
C SER A 112 21.30 19.68 15.80
N ALA A 113 21.49 19.51 17.11
CA ALA A 113 21.03 20.49 18.08
C ALA A 113 21.68 21.84 17.83
N GLU A 114 22.98 21.82 17.55
CA GLU A 114 23.71 23.05 17.27
C GLU A 114 23.21 23.73 16.00
N GLN A 115 22.97 22.97 14.93
CA GLN A 115 22.37 23.54 13.72
C GLN A 115 20.98 24.12 13.98
N SER A 116 20.20 23.47 14.83
CA SER A 116 18.87 23.95 15.21
C SER A 116 18.93 25.32 15.85
N LEU A 117 19.87 25.51 16.77
CA LEU A 117 20.10 26.80 17.40
C LEU A 117 20.40 27.87 16.35
N LYS A 118 21.29 27.55 15.42
CA LYS A 118 21.66 28.47 14.35
C LYS A 118 20.43 28.77 13.49
N ASN A 119 19.72 27.72 13.09
CA ASN A 119 18.52 27.88 12.27
C ASN A 119 17.47 28.77 12.94
N LEU A 120 17.21 28.50 14.22
CA LEU A 120 16.12 29.19 14.94
C LEU A 120 16.54 30.54 15.52
N ALA A 121 17.81 30.90 15.33
CA ALA A 121 18.35 32.17 15.80
C ALA A 121 18.17 32.34 17.31
N THR A 122 18.48 31.29 18.05
CA THR A 122 18.38 31.30 19.51
C THR A 122 19.59 30.54 20.10
N ASP A 123 19.97 30.83 21.34
CA ASP A 123 21.11 30.12 21.93
C ASP A 123 20.71 28.96 22.86
N TYR A 124 19.41 28.65 22.93
CA TYR A 124 18.96 27.46 23.66
C TYR A 124 17.65 26.89 23.11
N LEU A 125 17.45 25.59 23.35
CA LEU A 125 16.19 24.92 23.07
C LEU A 125 15.57 24.52 24.39
N ASP A 126 14.25 24.63 24.49
CA ASP A 126 13.58 24.18 25.70
C ASP A 126 13.59 22.67 25.79
N MET A 127 13.44 21.99 24.66
CA MET A 127 13.47 20.53 24.66
C MET A 127 13.92 19.97 23.33
N LEU A 128 14.71 18.91 23.41
CA LEU A 128 15.11 18.17 22.23
C LEU A 128 14.62 16.73 22.35
N LEU A 129 14.00 16.22 21.27
CA LEU A 129 13.49 14.85 21.22
C LEU A 129 14.24 13.97 20.23
N ILE A 130 14.41 12.70 20.56
CA ILE A 130 14.75 11.72 19.54
C ILE A 130 13.47 11.46 18.73
N HIS A 131 13.54 11.69 17.42
CA HIS A 131 12.35 11.73 16.56
C HIS A 131 11.67 10.36 16.36
N ARG A 132 12.48 9.31 16.21
CA ARG A 132 11.98 7.94 15.99
C ARG A 132 12.86 6.93 16.70
N PRO A 133 12.28 5.82 17.17
CA PRO A 133 13.13 4.77 17.73
C PRO A 133 14.00 4.14 16.64
N ASP A 134 15.29 4.08 16.89
CA ASP A 134 16.27 3.64 15.91
C ASP A 134 16.78 2.27 16.32
N PRO A 135 16.65 1.25 15.45
CA PRO A 135 17.15 -0.08 15.85
C PRO A 135 18.64 -0.07 16.16
N LEU A 136 19.35 0.97 15.71
CA LEU A 136 20.76 1.12 16.01
C LEU A 136 21.01 2.10 17.16
N MET A 137 19.96 2.46 17.89
CA MET A 137 20.15 3.38 19.00
C MET A 137 20.96 2.76 20.13
N ASP A 138 22.15 3.33 20.35
CA ASP A 138 22.99 3.07 21.53
C ASP A 138 22.66 4.12 22.59
N ALA A 139 21.99 3.69 23.66
CA ALA A 139 21.48 4.61 24.67
C ALA A 139 22.62 5.32 25.41
N ASP A 140 23.79 4.69 25.52
CA ASP A 140 24.94 5.36 26.11
C ASP A 140 25.32 6.55 25.23
N ASP A 141 25.30 6.36 23.91
CA ASP A 141 25.64 7.43 22.96
C ASP A 141 24.70 8.61 23.06
N VAL A 142 23.41 8.33 23.11
CA VAL A 142 22.40 9.37 23.24
C VAL A 142 22.59 10.12 24.55
N ALA A 143 22.74 9.36 25.64
CA ALA A 143 22.96 9.93 26.96
C ALA A 143 24.16 10.87 27.00
N GLU A 144 25.25 10.49 26.33
CA GLU A 144 26.44 11.34 26.30
C GLU A 144 26.15 12.65 25.58
N ALA A 145 25.42 12.56 24.46
CA ALA A 145 25.03 13.74 23.72
C ALA A 145 24.14 14.65 24.58
N PHE A 146 23.13 14.06 25.22
CA PHE A 146 22.20 14.82 26.06
C PHE A 146 22.93 15.50 27.22
N GLN A 147 23.86 14.79 27.82
CA GLN A 147 24.63 15.30 28.96
C GLN A 147 25.43 16.54 28.56
N HIS A 148 26.09 16.49 27.40
CA HIS A 148 26.83 17.64 26.91
C HIS A 148 25.92 18.83 26.62
N LEU A 149 24.79 18.58 25.96
CA LEU A 149 23.85 19.64 25.63
C LEU A 149 23.25 20.27 26.89
N HIS A 150 23.06 19.45 27.91
CA HIS A 150 22.46 19.92 29.16
C HIS A 150 23.41 20.78 29.99
N GLN A 151 24.62 20.30 30.19
CA GLN A 151 25.58 21.00 31.03
C GLN A 151 25.98 22.34 30.42
N SER A 152 25.99 22.41 29.09
CA SER A 152 26.36 23.64 28.39
C SER A 152 25.23 24.66 28.35
N GLY A 153 24.04 24.26 28.77
CA GLY A 153 22.89 25.15 28.76
C GLY A 153 22.25 25.32 27.40
N LYS A 154 22.68 24.54 26.42
CA LYS A 154 22.12 24.62 25.09
C LYS A 154 20.72 24.00 25.00
N VAL A 155 20.45 23.01 25.85
CA VAL A 155 19.15 22.35 25.85
C VAL A 155 18.68 22.12 27.28
N ARG A 156 17.46 22.56 27.59
CA ARG A 156 16.93 22.47 28.95
C ARG A 156 16.39 21.06 29.30
N HIS A 157 15.64 20.47 28.39
CA HIS A 157 15.03 19.17 28.66
C HIS A 157 15.09 18.26 27.46
N PHE A 158 14.85 16.98 27.70
CA PHE A 158 15.01 15.95 26.68
C PHE A 158 13.84 15.00 26.71
N GLY A 159 13.45 14.49 25.55
CA GLY A 159 12.36 13.53 25.51
C GLY A 159 12.50 12.69 24.28
N VAL A 160 11.46 11.94 23.95
CA VAL A 160 11.49 11.07 22.79
C VAL A 160 10.19 11.17 22.02
N SER A 161 10.14 10.48 20.88
CA SER A 161 8.94 10.49 20.07
C SER A 161 8.71 9.13 19.43
N ASN A 162 7.47 8.65 19.53
CA ASN A 162 7.07 7.36 18.98
C ASN A 162 7.82 6.16 19.55
N PHE A 163 8.34 6.28 20.77
CA PHE A 163 9.01 5.16 21.45
C PHE A 163 8.02 4.16 22.06
N THR A 164 8.38 2.89 22.03
CA THR A 164 7.66 1.88 22.82
C THR A 164 8.09 2.00 24.27
N PRO A 165 7.29 1.48 25.22
CA PRO A 165 7.72 1.48 26.63
C PRO A 165 9.12 0.89 26.89
N ALA A 166 9.52 -0.12 26.14
CA ALA A 166 10.85 -0.73 26.33
C ALA A 166 11.97 0.18 25.84
N GLN A 167 11.76 0.81 24.69
CA GLN A 167 12.73 1.79 24.16
C GLN A 167 12.86 2.99 25.11
N PHE A 168 11.74 3.44 25.67
CA PHE A 168 11.71 4.54 26.62
C PHE A 168 12.51 4.20 27.87
N THR A 169 12.20 3.05 28.46
CA THR A 169 12.90 2.57 29.65
C THR A 169 14.39 2.40 29.42
N LEU A 170 14.76 1.99 28.21
CA LEU A 170 16.14 1.76 27.89
C LEU A 170 16.94 3.06 27.95
N LEU A 171 16.43 4.10 27.28
CA LEU A 171 17.10 5.40 27.27
C LEU A 171 17.08 6.03 28.67
N GLN A 172 15.91 6.02 29.32
CA GLN A 172 15.79 6.58 30.65
C GLN A 172 16.82 6.02 31.65
N SER A 173 17.15 4.73 31.50
CA SER A 173 18.08 4.06 32.42
C SER A 173 19.48 4.71 32.41
N ARG A 174 19.80 5.46 31.36
CA ARG A 174 21.12 6.05 31.22
C ARG A 174 21.16 7.53 31.65
N LEU A 175 20.03 8.09 32.03
CA LEU A 175 19.91 9.55 32.20
C LEU A 175 19.67 9.96 33.64
N PRO A 176 20.40 11.01 34.10
CA PRO A 176 20.31 11.47 35.48
C PRO A 176 19.00 12.23 35.73
N PHE A 177 18.37 12.68 34.66
CA PHE A 177 17.14 13.44 34.72
C PHE A 177 16.02 12.68 34.03
N THR A 178 14.79 13.10 34.27
CA THR A 178 13.64 12.42 33.67
C THR A 178 13.41 12.87 32.23
N LEU A 179 13.24 11.91 31.32
CA LEU A 179 12.70 12.21 30.00
C LEU A 179 11.34 12.91 30.16
N ALA A 180 11.18 14.04 29.50
CA ALA A 180 10.04 14.91 29.77
C ALA A 180 8.79 14.61 28.93
N THR A 181 8.94 13.84 27.85
CA THR A 181 7.77 13.42 27.08
C THR A 181 8.08 12.27 26.16
N ASN A 182 7.00 11.65 25.68
CA ASN A 182 7.04 10.70 24.58
C ASN A 182 5.96 11.19 23.63
N GLN A 183 6.39 11.87 22.57
CA GLN A 183 5.46 12.46 21.62
C GLN A 183 4.88 11.37 20.72
N VAL A 184 3.56 11.18 20.79
CA VAL A 184 2.95 10.02 20.14
C VAL A 184 1.65 10.33 19.39
N GLU A 185 1.31 9.48 18.43
CA GLU A 185 0.10 9.68 17.63
C GLU A 185 -1.16 9.21 18.38
N ILE A 186 -2.09 10.15 18.59
CA ILE A 186 -3.31 9.87 19.33
C ILE A 186 -4.51 10.58 18.68
N SER A 187 -5.51 9.80 18.29
CA SER A 187 -6.75 10.35 17.73
C SER A 187 -7.85 9.29 17.72
N PRO A 188 -9.11 9.67 17.48
CA PRO A 188 -10.12 8.62 17.31
C PRO A 188 -9.80 7.69 16.13
N VAL A 189 -8.97 8.16 15.20
CA VAL A 189 -8.63 7.41 14.00
C VAL A 189 -7.46 6.45 14.25
N HIS A 190 -6.63 6.79 15.24
CA HIS A 190 -5.49 5.96 15.57
C HIS A 190 -5.46 5.78 17.07
N GLN A 191 -6.02 4.66 17.54
CA GLN A 191 -6.15 4.39 18.97
C GLN A 191 -5.32 3.26 19.62
N PRO A 192 -4.36 2.64 18.89
CA PRO A 192 -3.80 1.46 19.56
C PRO A 192 -3.01 1.81 20.84
N LEU A 193 -2.49 3.03 20.92
CA LEU A 193 -1.64 3.38 22.06
C LEU A 193 -2.43 3.48 23.36
N LEU A 194 -3.75 3.54 23.24
CA LEU A 194 -4.63 3.62 24.41
C LEU A 194 -4.52 2.37 25.24
N LEU A 195 -4.23 1.25 24.59
CA LEU A 195 -4.25 -0.06 25.25
C LEU A 195 -2.94 -0.85 25.17
N ASP A 196 -1.99 -0.38 24.39
CA ASP A 196 -0.78 -1.18 24.13
C ASP A 196 0.31 -0.99 25.18
N GLY A 197 0.06 -0.10 26.14
CA GLY A 197 1.04 0.10 27.21
C GLY A 197 1.76 1.44 27.15
N THR A 198 1.77 2.08 25.99
CA THR A 198 2.45 3.37 25.83
C THR A 198 1.88 4.43 26.77
N LEU A 199 0.56 4.62 26.72
CA LEU A 199 -0.08 5.63 27.57
C LEU A 199 -0.19 5.19 29.02
N ASP A 200 -0.24 3.88 29.26
CA ASP A 200 -0.20 3.32 30.62
C ASP A 200 1.10 3.72 31.31
N GLN A 201 2.22 3.54 30.61
CA GLN A 201 3.53 3.90 31.17
C GLN A 201 3.68 5.41 31.44
N LEU A 202 3.22 6.24 30.51
CA LEU A 202 3.31 7.69 30.69
C LEU A 202 2.47 8.16 31.89
N GLN A 203 1.26 7.63 32.03
CA GLN A 203 0.43 7.97 33.20
C GLN A 203 1.11 7.51 34.48
N GLN A 204 1.67 6.30 34.45
CA GLN A 204 2.34 5.78 35.65
C GLN A 204 3.49 6.69 36.08
N LEU A 205 4.26 7.18 35.11
CA LEU A 205 5.42 8.03 35.39
C LEU A 205 5.06 9.51 35.55
N ARG A 206 3.79 9.83 35.32
CA ARG A 206 3.26 11.20 35.40
C ARG A 206 3.97 12.09 34.36
N ILE A 207 4.20 11.49 33.21
CA ILE A 207 4.74 12.20 32.06
C ILE A 207 3.63 12.36 31.03
N ARG A 208 3.40 13.58 30.59
CA ARG A 208 2.29 13.82 29.67
C ARG A 208 2.82 13.82 28.24
N PRO A 209 2.16 13.07 27.37
CA PRO A 209 2.59 13.00 25.96
C PRO A 209 2.12 14.21 25.15
N MET A 210 2.99 14.71 24.27
CA MET A 210 2.55 15.58 23.19
C MET A 210 1.88 14.70 22.13
N ALA A 211 0.71 15.09 21.67
CA ALA A 211 -0.08 14.24 20.76
C ALA A 211 -0.07 14.77 19.33
N TRP A 212 0.37 13.97 18.36
CA TRP A 212 0.38 14.45 16.99
C TRP A 212 -0.61 13.65 16.12
N SER A 213 -0.87 14.15 14.91
CA SER A 213 -1.97 13.67 14.06
C SER A 213 -3.32 13.59 14.78
N CYS A 214 -3.61 14.61 15.57
CA CYS A 214 -4.82 14.65 16.38
C CYS A 214 -6.10 14.53 15.53
N LEU A 215 -6.05 14.99 14.28
CA LEU A 215 -7.20 14.89 13.39
C LEU A 215 -7.05 13.78 12.35
N GLY A 216 -6.23 12.78 12.65
CA GLY A 216 -6.10 11.62 11.79
C GLY A 216 -5.12 11.77 10.63
N GLY A 217 -4.19 12.71 10.76
CA GLY A 217 -3.23 12.95 9.69
C GLY A 217 -3.93 13.30 8.38
N GLY A 218 -5.04 14.04 8.49
CA GLY A 218 -5.78 14.51 7.33
C GLY A 218 -7.03 13.72 6.97
N ARG A 219 -7.13 12.52 7.51
N ARG A 219 -7.16 12.52 7.51
CA ARG A 219 -8.17 11.57 7.11
CA ARG A 219 -8.19 11.59 7.07
C ARG A 219 -9.58 12.04 7.47
C ARG A 219 -9.61 11.98 7.50
N LEU A 220 -9.74 12.59 8.68
CA LEU A 220 -11.06 13.04 9.16
C LEU A 220 -11.79 13.92 8.14
N PHE A 221 -11.07 14.86 7.52
CA PHE A 221 -11.67 15.75 6.53
C PHE A 221 -11.42 15.35 5.08
N ASN A 222 -10.30 14.69 4.80
CA ASN A 222 -9.94 14.40 3.40
C ASN A 222 -10.12 12.95 2.95
N ASP A 223 -10.48 12.07 3.88
CA ASP A 223 -10.70 10.69 3.50
C ASP A 223 -12.20 10.46 3.42
N GLU A 224 -12.68 10.24 2.20
CA GLU A 224 -14.11 10.02 1.97
C GLU A 224 -14.66 8.88 2.83
N ALA A 225 -13.77 7.99 3.27
CA ALA A 225 -14.17 6.81 4.03
C ALA A 225 -14.60 7.13 5.46
N TYR A 226 -14.10 8.25 5.99
N TYR A 226 -14.14 8.26 6.00
CA TYR A 226 -14.42 8.67 7.36
CA TYR A 226 -14.40 8.55 7.40
C TYR A 226 -15.51 9.74 7.36
C TYR A 226 -15.64 9.41 7.64
N GLN A 227 -16.16 9.93 6.22
N GLN A 227 -16.68 9.19 6.84
CA GLN A 227 -17.14 11.00 6.04
CA GLN A 227 -17.99 9.77 7.14
C GLN A 227 -18.48 10.75 6.76
C GLN A 227 -18.49 9.40 8.54
N PRO A 228 -18.94 9.48 6.82
N PRO A 228 -18.55 8.08 8.87
CA PRO A 228 -20.06 9.30 7.74
CA PRO A 228 -19.18 7.73 10.15
C PRO A 228 -19.62 9.36 9.21
C PRO A 228 -18.54 8.46 11.34
N LEU A 229 -18.35 9.08 9.48
N LEU A 229 -17.24 8.70 11.28
CA LEU A 229 -17.82 9.19 10.84
CA LEU A 229 -16.60 9.47 12.33
C LEU A 229 -17.78 10.66 11.25
C LEU A 229 -17.02 10.93 12.26
N ARG A 230 -17.35 11.50 10.32
N ARG A 230 -17.04 11.49 11.05
CA ARG A 230 -17.33 12.94 10.52
CA ARG A 230 -17.31 12.92 10.86
C ARG A 230 -18.72 13.45 10.94
C ARG A 230 -18.75 13.33 11.18
N GLN A 231 -19.73 12.68 10.56
CA GLN A 231 -21.13 13.00 10.84
C GLN A 231 -21.54 12.66 12.28
N GLU A 232 -20.96 11.62 12.87
CA GLU A 232 -21.23 11.31 14.27
C GLU A 232 -20.59 12.34 15.19
N LEU A 233 -19.42 12.85 14.80
CA LEU A 233 -18.81 13.97 15.53
C LEU A 233 -19.70 15.22 15.43
N SER A 234 -20.38 15.39 14.31
CA SER A 234 -21.29 16.52 14.12
C SER A 234 -22.50 16.40 15.02
N VAL A 235 -22.93 15.16 15.26
CA VAL A 235 -24.09 14.92 16.12
C VAL A 235 -23.72 15.23 17.56
N ILE A 236 -22.52 14.84 17.96
CA ILE A 236 -22.04 15.10 19.32
C ILE A 236 -21.71 16.58 19.51
N ALA A 237 -21.22 17.20 18.45
CA ALA A 237 -20.97 18.64 18.45
C ALA A 237 -22.25 19.40 18.77
N GLN A 238 -23.34 19.02 18.11
CA GLN A 238 -24.64 19.67 18.33
C GLN A 238 -25.12 19.48 19.75
N GLU A 239 -24.88 18.31 20.32
CA GLU A 239 -25.21 18.06 21.72
C GLU A 239 -24.42 18.96 22.69
N LEU A 240 -23.15 19.20 22.38
CA LEU A 240 -22.29 20.00 23.24
C LEU A 240 -22.37 21.49 22.90
N ASN A 241 -23.12 21.80 21.85
CA ASN A 241 -23.16 23.15 21.28
C ASN A 241 -21.75 23.65 20.97
N ALA A 242 -20.96 22.79 20.34
CA ALA A 242 -19.62 23.11 19.86
C ALA A 242 -19.71 23.66 18.44
N SER A 243 -18.88 24.66 18.14
CA SER A 243 -18.96 25.34 16.85
C SER A 243 -18.37 24.51 15.71
N SER A 244 -17.54 23.53 16.05
CA SER A 244 -16.94 22.69 15.02
C SER A 244 -16.60 21.30 15.59
N ILE A 245 -16.31 20.37 14.70
CA ILE A 245 -16.08 19.01 15.14
C ILE A 245 -14.66 18.82 15.65
N GLU A 246 -13.71 19.60 15.15
CA GLU A 246 -12.34 19.48 15.65
C GLU A 246 -12.30 19.77 17.15
N GLN A 247 -13.20 20.65 17.61
CA GLN A 247 -13.31 20.93 19.04
C GLN A 247 -13.64 19.66 19.82
N VAL A 248 -14.55 18.88 19.27
CA VAL A 248 -14.97 17.63 19.88
C VAL A 248 -13.84 16.60 19.88
N VAL A 249 -13.05 16.59 18.80
CA VAL A 249 -11.91 15.68 18.71
C VAL A 249 -10.84 16.03 19.74
N TYR A 250 -10.50 17.32 19.82
CA TYR A 250 -9.53 17.76 20.81
C TYR A 250 -10.00 17.46 22.25
N ALA A 251 -11.28 17.71 22.53
CA ALA A 251 -11.85 17.35 23.83
C ALA A 251 -11.76 15.84 24.11
N TRP A 252 -11.88 15.03 23.06
CA TRP A 252 -11.76 13.58 23.15
C TRP A 252 -10.36 13.16 23.62
N ILE A 253 -9.35 13.84 23.08
CA ILE A 253 -7.96 13.56 23.42
C ILE A 253 -7.64 14.06 24.83
N LEU A 254 -8.06 15.28 25.14
CA LEU A 254 -7.85 15.86 26.49
C LEU A 254 -8.44 15.01 27.60
N ARG A 255 -9.42 14.21 27.25
CA ARG A 255 -10.16 13.39 28.21
C ARG A 255 -9.32 12.19 28.68
N LEU A 256 -8.27 11.86 27.93
CA LEU A 256 -7.40 10.75 28.31
C LEU A 256 -6.65 11.00 29.64
N PRO A 257 -6.56 9.95 30.48
CA PRO A 257 -5.98 10.15 31.81
C PRO A 257 -4.44 10.33 31.78
N SER A 258 -3.80 10.11 30.64
CA SER A 258 -2.39 10.49 30.50
C SER A 258 -2.27 12.00 30.29
N GLN A 259 -3.41 12.66 30.06
CA GLN A 259 -3.49 14.12 29.94
C GLN A 259 -2.59 14.69 28.82
N PRO A 260 -2.89 14.32 27.57
CA PRO A 260 -1.99 14.74 26.49
C PRO A 260 -2.05 16.22 26.17
N LEU A 261 -0.99 16.73 25.56
CA LEU A 261 -0.91 18.10 25.03
C LEU A 261 -1.03 18.02 23.51
N PRO A 262 -2.22 18.35 22.96
CA PRO A 262 -2.41 18.16 21.52
C PRO A 262 -1.63 19.19 20.69
N ILE A 263 -1.08 18.75 19.57
CA ILE A 263 -0.34 19.66 18.69
C ILE A 263 -1.26 20.10 17.56
N ILE A 264 -1.44 21.42 17.45
CA ILE A 264 -2.20 22.02 16.36
C ILE A 264 -1.27 22.28 15.17
N GLY A 265 -1.70 21.91 13.97
CA GLY A 265 -0.86 22.07 12.80
C GLY A 265 -1.32 23.07 11.75
N SER A 266 -2.39 23.80 12.03
CA SER A 266 -2.97 24.69 11.03
C SER A 266 -2.39 26.11 11.08
N GLY A 267 -1.98 26.61 9.92
CA GLY A 267 -1.42 27.94 9.81
C GLY A 267 -2.47 29.03 9.68
N LYS A 268 -3.72 28.69 9.97
CA LYS A 268 -4.81 29.65 9.96
C LYS A 268 -5.27 29.89 11.39
N ILE A 269 -5.23 31.15 11.80
CA ILE A 269 -5.33 31.49 13.22
C ILE A 269 -6.71 31.21 13.81
N GLU A 270 -7.74 31.26 12.98
CA GLU A 270 -9.09 30.99 13.45
C GLU A 270 -9.34 29.50 13.66
N ARG A 271 -8.52 28.66 13.04
CA ARG A 271 -8.62 27.22 13.28
C ARG A 271 -7.90 26.88 14.59
N VAL A 272 -6.90 27.69 14.93
CA VAL A 272 -6.22 27.57 16.21
C VAL A 272 -7.16 27.93 17.35
N ARG A 273 -7.81 29.09 17.22
CA ARG A 273 -8.71 29.58 18.25
C ARG A 273 -9.87 28.60 18.44
N ALA A 274 -10.37 28.06 17.34
CA ALA A 274 -11.45 27.09 17.37
C ALA A 274 -11.04 25.88 18.19
N ALA A 275 -9.78 25.48 18.02
CA ALA A 275 -9.24 24.37 18.77
C ALA A 275 -9.26 24.63 20.27
N LEU A 276 -8.88 25.84 20.67
CA LEU A 276 -8.63 26.14 22.08
C LEU A 276 -9.90 26.11 22.96
N GLU A 277 -11.07 26.27 22.35
CA GLU A 277 -12.31 26.19 23.11
C GLU A 277 -12.67 24.77 23.51
N ALA A 278 -11.85 23.81 23.09
CA ALA A 278 -12.04 22.42 23.50
C ALA A 278 -11.85 22.25 25.00
N GLU A 279 -11.01 23.09 25.60
CA GLU A 279 -10.79 23.08 27.05
C GLU A 279 -12.08 23.26 27.85
N THR A 280 -13.06 23.96 27.29
CA THR A 280 -14.30 24.26 27.99
C THR A 280 -15.41 23.24 27.71
N LEU A 281 -15.11 22.25 26.88
CA LEU A 281 -16.09 21.26 26.47
C LEU A 281 -16.23 20.15 27.52
N SER A 282 -17.48 19.83 27.87
CA SER A 282 -17.75 18.82 28.88
C SER A 282 -18.16 17.51 28.21
N LEU A 283 -17.17 16.71 27.87
CA LEU A 283 -17.42 15.44 27.21
C LEU A 283 -17.79 14.37 28.23
N THR A 284 -18.95 13.74 28.05
CA THR A 284 -19.37 12.67 28.95
C THR A 284 -18.64 11.38 28.60
N ARG A 285 -18.71 10.38 29.48
CA ARG A 285 -18.06 9.11 29.16
C ARG A 285 -18.76 8.50 27.97
N GLN A 286 -20.09 8.56 27.97
CA GLN A 286 -20.85 7.94 26.89
C GLN A 286 -20.54 8.62 25.57
N GLN A 287 -20.41 9.93 25.58
CA GLN A 287 -20.03 10.64 24.36
C GLN A 287 -18.64 10.19 23.93
N TRP A 288 -17.71 10.07 24.87
CA TRP A 288 -16.35 9.64 24.56
C TRP A 288 -16.33 8.27 23.91
N PHE A 289 -17.15 7.35 24.42
CA PHE A 289 -17.16 5.97 23.93
C PHE A 289 -17.91 5.85 22.61
N ARG A 290 -18.91 6.70 22.41
CA ARG A 290 -19.64 6.73 21.14
C ARG A 290 -18.70 7.13 20.01
N ILE A 291 -17.81 8.06 20.31
CA ILE A 291 -16.83 8.55 19.34
C ILE A 291 -15.85 7.45 19.00
N ARG A 292 -15.43 6.72 20.02
CA ARG A 292 -14.47 5.63 19.87
C ARG A 292 -15.05 4.54 18.98
N LYS A 293 -16.29 4.16 19.27
CA LYS A 293 -17.02 3.14 18.53
C LYS A 293 -17.27 3.54 17.08
N ALA A 294 -17.63 4.81 16.85
CA ALA A 294 -17.95 5.27 15.50
C ALA A 294 -16.69 5.30 14.62
N ALA A 295 -15.54 5.46 15.25
CA ALA A 295 -14.27 5.51 14.53
C ALA A 295 -13.75 4.12 14.20
N LEU A 296 -13.90 3.19 15.13
CA LEU A 296 -13.47 1.81 14.93
C LEU A 296 -14.14 1.20 13.70
N MET B 4 -6.17 19.21 -23.76
CA MET B 4 -7.39 18.63 -23.21
C MET B 4 -7.18 17.23 -22.63
N VAL B 5 -7.98 16.87 -21.63
CA VAL B 5 -7.94 15.55 -21.04
C VAL B 5 -8.43 14.50 -22.05
N GLN B 6 -7.79 13.33 -22.05
CA GLN B 6 -8.18 12.24 -22.95
C GLN B 6 -9.63 11.79 -22.73
N ARG B 7 -10.25 11.33 -23.80
CA ARG B 7 -11.56 10.69 -23.75
C ARG B 7 -11.35 9.19 -23.59
N VAL B 8 -12.16 8.55 -22.76
CA VAL B 8 -11.94 7.17 -22.37
C VAL B 8 -13.24 6.38 -22.17
N THR B 9 -13.36 5.25 -22.87
CA THR B 9 -14.48 4.33 -22.63
C THR B 9 -14.13 3.41 -21.46
N ILE B 10 -14.89 3.48 -20.36
CA ILE B 10 -14.46 2.81 -19.13
C ILE B 10 -14.78 1.32 -19.05
N ALA B 11 -15.61 0.83 -19.95
CA ALA B 11 -16.06 -0.56 -19.91
C ALA B 11 -16.61 -0.92 -21.29
N PRO B 12 -16.73 -2.23 -21.58
N PRO B 12 -16.64 -2.24 -21.63
CA PRO B 12 -17.40 -2.67 -22.80
CA PRO B 12 -16.96 -2.69 -23.00
C PRO B 12 -18.85 -2.19 -22.84
C PRO B 12 -18.04 -1.89 -23.74
N GLN B 13 -19.18 -1.44 -23.89
N GLN B 13 -19.26 -1.89 -23.19
CA GLN B 13 -20.51 -0.86 -24.08
CA GLN B 13 -20.34 -1.09 -23.77
C GLN B 13 -20.82 0.12 -22.95
C GLN B 13 -20.68 0.06 -22.86
N GLY B 14 -19.77 0.59 -22.30
N GLY B 14 -19.71 0.46 -22.03
CA GLY B 14 -19.91 1.56 -21.23
CA GLY B 14 -19.90 1.53 -21.09
C GLY B 14 -19.76 2.97 -21.76
C GLY B 14 -19.75 2.91 -21.70
N PRO B 15 -19.92 3.96 -20.88
CA PRO B 15 -19.87 5.35 -21.34
C PRO B 15 -18.47 5.88 -21.59
N GLU B 16 -18.39 6.96 -22.36
CA GLU B 16 -17.14 7.68 -22.54
C GLU B 16 -16.99 8.74 -21.45
N PHE B 17 -15.91 8.62 -20.67
CA PHE B 17 -15.60 9.58 -19.63
C PHE B 17 -14.31 10.35 -19.93
N SER B 18 -14.08 11.42 -19.18
CA SER B 18 -12.74 12.01 -19.18
C SER B 18 -11.86 11.16 -18.25
N ARG B 19 -10.60 10.96 -18.64
CA ARG B 19 -9.66 10.14 -17.90
C ARG B 19 -9.51 10.58 -16.46
N PHE B 20 -9.54 11.88 -16.23
CA PHE B 20 -9.62 12.42 -14.88
C PHE B 20 -11.06 12.84 -14.57
N VAL B 21 -11.51 12.50 -13.36
CA VAL B 21 -12.88 12.77 -12.90
C VAL B 21 -12.89 13.84 -11.80
N MET B 22 -13.84 14.77 -11.85
CA MET B 22 -13.91 15.79 -10.79
C MET B 22 -14.80 15.28 -9.65
N GLY B 23 -14.25 15.19 -8.44
CA GLY B 23 -15.02 14.68 -7.30
C GLY B 23 -15.62 15.78 -6.43
N TYR B 24 -16.92 15.68 -6.12
CA TYR B 24 -17.58 16.75 -5.40
C TYR B 24 -17.99 16.40 -3.96
N TRP B 25 -17.35 15.38 -3.38
N TRP B 25 -17.32 15.40 -3.38
CA TRP B 25 -17.77 14.96 -2.04
CA TRP B 25 -17.70 14.93 -2.05
C TRP B 25 -17.44 16.02 -0.99
C TRP B 25 -17.41 16.00 -0.98
N ARG B 26 -16.50 16.91 -1.29
CA ARG B 26 -16.12 17.98 -0.36
C ARG B 26 -16.70 19.36 -0.71
N LEU B 27 -17.62 19.37 -1.67
CA LEU B 27 -18.18 20.62 -2.19
C LEU B 27 -18.63 21.60 -1.11
N MET B 28 -19.24 21.10 -0.03
CA MET B 28 -19.76 21.98 1.02
C MET B 28 -18.64 22.65 1.82
N ASP B 29 -17.46 22.03 1.82
CA ASP B 29 -16.33 22.60 2.57
C ASP B 29 -15.65 23.73 1.79
N TRP B 30 -15.94 23.83 0.49
CA TRP B 30 -15.32 24.86 -0.35
C TRP B 30 -15.96 26.24 -0.17
N ASN B 31 -17.12 26.29 0.48
CA ASN B 31 -17.86 27.54 0.68
C ASN B 31 -18.08 28.34 -0.61
N MET B 32 -18.61 27.68 -1.64
CA MET B 32 -18.93 28.33 -2.91
C MET B 32 -20.40 28.70 -3.01
N SER B 33 -20.66 29.84 -3.65
CA SER B 33 -22.01 30.22 -4.08
C SER B 33 -22.34 29.41 -5.33
N ALA B 34 -23.62 29.43 -5.73
CA ALA B 34 -24.00 28.73 -6.95
C ALA B 34 -23.26 29.33 -8.15
N ARG B 35 -23.15 30.66 -8.15
CA ARG B 35 -22.46 31.38 -9.21
C ARG B 35 -20.97 31.03 -9.27
N GLN B 36 -20.35 30.87 -8.11
CA GLN B 36 -18.95 30.48 -8.03
C GLN B 36 -18.76 29.04 -8.51
N LEU B 37 -19.69 28.17 -8.15
CA LEU B 37 -19.64 26.78 -8.58
C LEU B 37 -19.77 26.66 -10.09
N VAL B 38 -20.63 27.49 -10.68
CA VAL B 38 -20.81 27.51 -12.13
C VAL B 38 -19.49 27.80 -12.84
N SER B 39 -18.81 28.83 -12.38
CA SER B 39 -17.51 29.22 -12.94
C SER B 39 -16.49 28.09 -12.84
N PHE B 40 -16.49 27.41 -11.70
CA PHE B 40 -15.57 26.30 -11.46
C PHE B 40 -15.81 25.12 -12.40
N ILE B 41 -17.08 24.75 -12.57
CA ILE B 41 -17.47 23.73 -13.53
C ILE B 41 -17.05 24.12 -14.95
N GLU B 42 -17.32 25.37 -15.32
CA GLU B 42 -16.94 25.90 -16.63
C GLU B 42 -15.42 25.83 -16.82
N GLU B 43 -14.68 26.14 -15.76
CA GLU B 43 -13.23 26.07 -15.79
C GLU B 43 -12.72 24.63 -16.00
N HIS B 44 -13.23 23.64 -15.27
CA HIS B 44 -12.65 22.30 -15.48
C HIS B 44 -13.20 21.65 -16.75
N LEU B 45 -14.38 22.05 -17.18
CA LEU B 45 -14.90 21.64 -18.50
C LEU B 45 -13.97 22.07 -19.64
N ASP B 46 -13.47 23.30 -19.56
CA ASP B 46 -12.64 23.85 -20.62
C ASP B 46 -11.28 23.14 -20.68
N LEU B 47 -10.91 22.49 -19.59
CA LEU B 47 -9.69 21.69 -19.54
C LEU B 47 -9.93 20.24 -19.96
N GLY B 48 -11.20 19.90 -20.17
CA GLY B 48 -11.57 18.57 -20.63
C GLY B 48 -12.04 17.62 -19.54
N VAL B 49 -12.19 18.11 -18.32
CA VAL B 49 -12.78 17.28 -17.27
C VAL B 49 -14.30 17.40 -17.37
N THR B 50 -14.92 16.38 -17.95
CA THR B 50 -16.35 16.38 -18.22
C THR B 50 -17.10 15.48 -17.24
N THR B 51 -16.38 14.56 -16.61
CA THR B 51 -17.00 13.55 -15.77
C THR B 51 -16.92 13.98 -14.29
N VAL B 52 -18.07 13.96 -13.61
CA VAL B 52 -18.11 14.41 -12.23
C VAL B 52 -18.71 13.34 -11.33
N ASP B 53 -18.25 13.29 -10.09
CA ASP B 53 -18.60 12.21 -9.17
C ASP B 53 -19.33 12.70 -7.93
N HIS B 54 -20.52 12.14 -7.69
CA HIS B 54 -21.37 12.52 -6.57
C HIS B 54 -21.81 11.29 -5.77
N ALA B 55 -22.52 11.52 -4.67
CA ALA B 55 -23.22 10.44 -3.96
C ALA B 55 -24.33 11.07 -3.14
N ASP B 56 -25.36 10.30 -2.84
CA ASP B 56 -26.49 10.85 -2.11
C ASP B 56 -26.05 11.37 -0.74
N ILE B 57 -25.14 10.67 -0.07
CA ILE B 57 -24.79 11.02 1.31
C ILE B 57 -23.82 12.20 1.46
N TYR B 58 -23.08 12.55 0.40
CA TYR B 58 -22.01 13.57 0.49
C TYR B 58 -22.52 14.90 1.04
N GLY B 59 -21.73 15.48 1.94
CA GLY B 59 -22.01 16.78 2.52
C GLY B 59 -23.23 16.75 3.42
N GLY B 60 -23.43 15.63 4.12
CA GLY B 60 -24.62 15.47 4.93
C GLY B 60 -25.86 15.54 4.07
N TYR B 61 -25.80 14.90 2.89
CA TYR B 61 -26.89 14.87 1.91
C TYR B 61 -27.18 16.26 1.32
N GLN B 62 -26.15 17.03 0.97
CA GLN B 62 -26.38 18.38 0.47
C GLN B 62 -25.61 18.69 -0.81
N CYS B 63 -24.56 17.94 -1.10
CA CYS B 63 -23.73 18.24 -2.26
C CYS B 63 -24.47 18.13 -3.59
N GLU B 64 -25.27 17.07 -3.76
CA GLU B 64 -26.10 16.89 -4.96
C GLU B 64 -27.00 18.11 -5.24
N ALA B 65 -27.71 18.53 -4.19
CA ALA B 65 -28.60 19.67 -4.29
C ALA B 65 -27.82 20.94 -4.65
N ALA B 66 -26.70 21.17 -3.98
CA ALA B 66 -25.85 22.34 -4.25
C ALA B 66 -25.33 22.33 -5.69
N PHE B 67 -24.97 21.17 -6.19
CA PHE B 67 -24.50 21.05 -7.56
C PHE B 67 -25.63 21.35 -8.53
N GLY B 68 -26.83 20.86 -8.19
CA GLY B 68 -28.01 21.09 -9.01
C GLY B 68 -28.42 22.55 -9.11
N GLU B 69 -28.12 23.34 -8.08
CA GLU B 69 -28.40 24.78 -8.12
C GLU B 69 -27.58 25.46 -9.21
N ALA B 70 -26.33 25.01 -9.36
CA ALA B 70 -25.46 25.51 -10.41
C ALA B 70 -25.99 25.13 -11.79
N LEU B 71 -26.44 23.88 -11.93
CA LEU B 71 -26.99 23.39 -13.18
C LEU B 71 -28.29 24.13 -13.54
N THR B 72 -28.98 24.64 -12.53
CA THR B 72 -30.21 25.39 -12.77
C THR B 72 -29.90 26.80 -13.25
N LEU B 73 -28.80 27.36 -12.76
CA LEU B 73 -28.32 28.65 -13.23
C LEU B 73 -27.84 28.54 -14.68
N ALA B 74 -27.02 27.53 -14.96
CA ALA B 74 -26.48 27.31 -16.30
C ALA B 74 -26.97 25.96 -16.86
N PRO B 75 -28.15 25.96 -17.49
CA PRO B 75 -28.79 24.73 -17.99
C PRO B 75 -28.03 24.05 -19.12
N HIS B 76 -27.22 24.80 -19.84
CA HIS B 76 -26.50 24.28 -21.00
C HIS B 76 -25.32 23.37 -20.63
N LEU B 77 -24.96 23.37 -19.35
CA LEU B 77 -23.81 22.59 -18.90
C LEU B 77 -24.09 21.09 -18.80
N ARG B 78 -25.34 20.72 -18.51
CA ARG B 78 -25.72 19.30 -18.32
C ARG B 78 -25.24 18.41 -19.46
N GLU B 79 -25.51 18.84 -20.70
CA GLU B 79 -25.17 18.09 -21.90
C GLU B 79 -23.68 17.82 -22.04
N LYS B 80 -22.85 18.64 -21.39
CA LYS B 80 -21.40 18.56 -21.55
C LYS B 80 -20.78 17.71 -20.47
N LEU B 81 -21.59 17.28 -19.50
CA LEU B 81 -21.09 16.53 -18.36
C LEU B 81 -21.57 15.09 -18.34
N GLN B 82 -20.75 14.23 -17.75
CA GLN B 82 -21.21 12.89 -17.38
C GLN B 82 -21.33 12.87 -15.87
N ILE B 83 -22.55 12.68 -15.38
CA ILE B 83 -22.77 12.64 -13.95
C ILE B 83 -22.89 11.23 -13.40
N VAL B 84 -22.01 10.96 -12.43
CA VAL B 84 -22.01 9.71 -11.71
C VAL B 84 -22.48 9.99 -10.29
N THR B 85 -23.40 9.20 -9.77
CA THR B 85 -23.73 9.32 -8.36
C THR B 85 -23.95 7.93 -7.76
N LYS B 86 -24.17 7.87 -6.44
CA LYS B 86 -24.17 6.61 -5.73
C LYS B 86 -25.30 6.54 -4.71
N CYS B 87 -25.65 5.32 -4.30
CA CYS B 87 -26.55 5.09 -3.18
C CYS B 87 -26.18 3.78 -2.50
N GLY B 88 -26.73 3.55 -1.31
CA GLY B 88 -26.45 2.35 -0.55
C GLY B 88 -26.07 2.61 0.90
N ILE B 89 -25.55 3.80 1.17
CA ILE B 89 -25.13 4.14 2.54
C ILE B 89 -26.23 4.97 3.23
N ALA B 90 -26.46 4.68 4.50
CA ALA B 90 -27.36 5.48 5.31
C ALA B 90 -26.59 6.07 6.51
N THR B 91 -26.48 7.39 6.57
CA THR B 91 -25.73 8.01 7.66
C THR B 91 -26.63 8.71 8.68
N THR B 92 -26.04 9.11 9.81
CA THR B 92 -26.82 9.71 10.89
C THR B 92 -27.13 11.19 10.63
N ALA B 93 -26.73 11.70 9.46
CA ALA B 93 -27.13 13.05 9.04
C ALA B 93 -28.64 13.12 8.81
N ARG B 94 -29.27 11.97 8.59
CA ARG B 94 -30.72 11.89 8.59
C ARG B 94 -31.22 11.36 9.93
N ALA B 95 -32.23 12.04 10.48
CA ALA B 95 -32.73 11.76 11.82
C ALA B 95 -33.28 10.34 11.99
N GLU B 96 -33.84 9.75 10.93
CA GLU B 96 -34.42 8.42 11.06
C GLU B 96 -33.34 7.33 11.11
N ASN B 97 -32.11 7.69 10.74
CA ASN B 97 -31.00 6.74 10.83
C ASN B 97 -30.28 6.88 12.17
N LYS B 98 -30.59 5.98 13.09
CA LYS B 98 -30.06 6.04 14.45
C LYS B 98 -28.60 5.60 14.50
N LEU B 99 -28.19 4.84 13.48
CA LEU B 99 -26.77 4.47 13.32
C LEU B 99 -26.45 4.37 11.84
N GLY B 100 -25.18 4.54 11.49
CA GLY B 100 -24.74 4.33 10.12
C GLY B 100 -24.97 2.88 9.72
N HIS B 101 -25.48 2.66 8.51
CA HIS B 101 -25.69 1.31 8.01
C HIS B 101 -25.84 1.34 6.49
N TYR B 102 -26.22 0.21 5.92
CA TYR B 102 -26.42 0.12 4.48
C TYR B 102 -27.86 -0.19 4.14
N ILE B 103 -28.31 0.31 3.01
CA ILE B 103 -29.64 -0.02 2.49
C ILE B 103 -29.52 -0.28 1.00
N THR B 104 -29.78 -1.51 0.57
CA THR B 104 -29.67 -1.84 -0.84
C THR B 104 -30.91 -2.55 -1.35
N ASP B 105 -32.05 -2.24 -0.74
CA ASP B 105 -33.33 -2.80 -1.17
C ASP B 105 -33.79 -2.09 -2.45
N ARG B 106 -34.55 -2.79 -3.27
CA ARG B 106 -35.02 -2.26 -4.56
C ARG B 106 -35.60 -0.86 -4.45
N ARG B 107 -36.58 -0.69 -3.56
CA ARG B 107 -37.30 0.57 -3.48
C ARG B 107 -36.37 1.72 -3.09
N HIS B 108 -35.47 1.49 -2.14
CA HIS B 108 -34.52 2.53 -1.73
C HIS B 108 -33.60 2.98 -2.88
N ILE B 109 -33.14 2.02 -3.66
CA ILE B 109 -32.29 2.34 -4.81
C ILE B 109 -33.07 3.20 -5.79
N ILE B 110 -34.29 2.79 -6.12
CA ILE B 110 -35.11 3.58 -7.05
C ILE B 110 -35.43 4.98 -6.50
N LEU B 111 -35.88 5.05 -5.25
CA LEU B 111 -36.14 6.34 -4.60
C LEU B 111 -34.89 7.22 -4.53
N SER B 112 -33.73 6.63 -4.21
CA SER B 112 -32.50 7.42 -4.12
C SER B 112 -32.13 8.01 -5.48
N ALA B 113 -32.20 7.19 -6.52
CA ALA B 113 -31.89 7.66 -7.87
C ALA B 113 -32.82 8.79 -8.26
N GLU B 114 -34.12 8.59 -8.01
CA GLU B 114 -35.12 9.59 -8.34
C GLU B 114 -34.87 10.89 -7.59
N GLN B 115 -34.46 10.79 -6.32
CA GLN B 115 -34.11 11.98 -5.55
C GLN B 115 -32.87 12.65 -6.15
N SER B 116 -31.92 11.83 -6.61
CA SER B 116 -30.72 12.36 -7.25
C SER B 116 -31.08 13.20 -8.48
N LEU B 117 -32.07 12.73 -9.23
CA LEU B 117 -32.52 13.48 -10.41
C LEU B 117 -33.10 14.84 -10.02
N LYS B 118 -33.85 14.87 -8.92
CA LYS B 118 -34.41 16.12 -8.41
C LYS B 118 -33.34 17.06 -7.89
N ASN B 119 -32.43 16.53 -7.07
CA ASN B 119 -31.35 17.35 -6.52
C ASN B 119 -30.47 17.99 -7.59
N LEU B 120 -30.05 17.16 -8.55
CA LEU B 120 -29.13 17.58 -9.60
C LEU B 120 -29.81 18.36 -10.71
N ALA B 121 -31.14 18.48 -10.62
CA ALA B 121 -31.95 19.22 -11.59
C ALA B 121 -31.78 18.71 -13.03
N THR B 122 -31.79 17.39 -13.18
CA THR B 122 -31.65 16.78 -14.50
C THR B 122 -32.60 15.60 -14.63
N ASP B 123 -32.89 15.17 -15.87
CA ASP B 123 -33.82 14.07 -16.07
C ASP B 123 -33.14 12.73 -16.32
N TYR B 124 -31.81 12.66 -16.20
CA TYR B 124 -31.10 11.38 -16.33
C TYR B 124 -29.74 11.43 -15.65
N LEU B 125 -29.27 10.28 -15.18
CA LEU B 125 -27.91 10.11 -14.66
C LEU B 125 -27.09 9.29 -15.65
N ASP B 126 -25.80 9.59 -15.79
CA ASP B 126 -24.99 8.81 -16.70
C ASP B 126 -24.65 7.46 -16.06
N MET B 127 -24.34 7.47 -14.76
CA MET B 127 -24.06 6.24 -14.05
C MET B 127 -24.48 6.29 -12.59
N LEU B 128 -25.08 5.20 -12.12
CA LEU B 128 -25.41 5.03 -10.71
C LEU B 128 -24.60 3.87 -10.13
N LEU B 129 -24.00 4.09 -8.95
CA LEU B 129 -23.20 3.04 -8.31
C LEU B 129 -23.78 2.61 -6.96
N ILE B 130 -23.64 1.32 -6.64
CA ILE B 130 -23.81 0.87 -5.27
C ILE B 130 -22.54 1.29 -4.52
N HIS B 131 -22.73 2.11 -3.49
CA HIS B 131 -21.65 2.84 -2.83
C HIS B 131 -20.72 1.93 -2.03
N ARG B 132 -21.31 0.93 -1.37
CA ARG B 132 -20.52 -0.03 -0.61
C ARG B 132 -21.14 -1.43 -0.63
N PRO B 133 -20.30 -2.47 -0.48
CA PRO B 133 -20.85 -3.82 -0.44
C PRO B 133 -21.56 -4.05 0.89
N ASP B 134 -22.83 -4.43 0.79
CA ASP B 134 -23.72 -4.59 1.93
C ASP B 134 -23.91 -6.08 2.22
N PRO B 135 -23.64 -6.50 3.48
CA PRO B 135 -23.84 -7.92 3.80
C PRO B 135 -25.26 -8.39 3.59
N LEU B 136 -26.21 -7.45 3.57
CA LEU B 136 -27.59 -7.80 3.31
C LEU B 136 -27.94 -7.61 1.85
N MET B 137 -26.95 -7.40 0.99
CA MET B 137 -27.24 -7.17 -0.42
C MET B 137 -27.86 -8.39 -1.09
N ASP B 138 -29.09 -8.20 -1.56
CA ASP B 138 -29.78 -9.17 -2.40
C ASP B 138 -29.61 -8.76 -3.86
N ALA B 139 -28.80 -9.51 -4.59
CA ALA B 139 -28.44 -9.15 -5.96
C ALA B 139 -29.67 -9.14 -6.88
N ASP B 140 -30.63 -10.01 -6.61
CA ASP B 140 -31.88 -10.03 -7.36
C ASP B 140 -32.63 -8.69 -7.23
N ASP B 141 -32.57 -8.10 -6.05
CA ASP B 141 -33.37 -6.92 -5.78
C ASP B 141 -32.68 -5.67 -6.37
N VAL B 142 -31.36 -5.60 -6.25
CA VAL B 142 -30.58 -4.56 -6.90
C VAL B 142 -30.82 -4.59 -8.41
N ALA B 143 -30.84 -5.80 -8.98
CA ALA B 143 -31.05 -5.98 -10.41
C ALA B 143 -32.44 -5.51 -10.83
N GLU B 144 -33.45 -5.75 -10.01
CA GLU B 144 -34.80 -5.25 -10.27
C GLU B 144 -34.84 -3.72 -10.31
N ALA B 145 -34.12 -3.07 -9.40
CA ALA B 145 -34.04 -1.62 -9.39
C ALA B 145 -33.32 -1.08 -10.62
N PHE B 146 -32.15 -1.65 -10.91
CA PHE B 146 -31.36 -1.24 -12.09
C PHE B 146 -32.17 -1.38 -13.38
N GLN B 147 -32.86 -2.51 -13.52
CA GLN B 147 -33.68 -2.75 -14.72
C GLN B 147 -34.78 -1.69 -14.87
N HIS B 148 -35.41 -1.33 -13.77
CA HIS B 148 -36.45 -0.30 -13.81
C HIS B 148 -35.87 1.05 -14.23
N LEU B 149 -34.79 1.45 -13.58
CA LEU B 149 -34.14 2.73 -13.86
C LEU B 149 -33.58 2.78 -15.30
N HIS B 150 -33.11 1.64 -15.79
CA HIS B 150 -32.56 1.56 -17.13
C HIS B 150 -33.67 1.62 -18.19
N GLN B 151 -34.71 0.81 -18.02
CA GLN B 151 -35.77 0.72 -19.02
C GLN B 151 -36.62 1.99 -19.10
N SER B 152 -36.57 2.81 -18.06
CA SER B 152 -37.31 4.06 -18.06
C SER B 152 -36.45 5.22 -18.56
N GLY B 153 -35.16 4.96 -18.77
CA GLY B 153 -34.27 5.96 -19.32
C GLY B 153 -33.68 6.91 -18.29
N LYS B 154 -33.90 6.60 -17.01
CA LYS B 154 -33.46 7.48 -15.94
C LYS B 154 -31.97 7.31 -15.60
N VAL B 155 -31.44 6.11 -15.86
CA VAL B 155 -30.01 5.84 -15.61
C VAL B 155 -29.47 5.06 -16.79
N ARG B 156 -28.36 5.55 -17.34
CA ARG B 156 -27.84 4.97 -18.56
C ARG B 156 -26.87 3.82 -18.29
N HIS B 157 -26.11 3.89 -17.20
CA HIS B 157 -25.16 2.83 -16.87
C HIS B 157 -25.08 2.59 -15.36
N PHE B 158 -24.57 1.43 -14.98
CA PHE B 158 -24.50 1.03 -13.57
C PHE B 158 -23.13 0.44 -13.20
N GLY B 159 -22.69 0.72 -11.99
CA GLY B 159 -21.48 0.12 -11.48
C GLY B 159 -21.50 -0.03 -9.98
N VAL B 160 -20.35 -0.37 -9.41
CA VAL B 160 -20.25 -0.53 -7.99
C VAL B 160 -19.06 0.24 -7.43
N SER B 161 -18.89 0.16 -6.14
CA SER B 161 -17.81 0.87 -5.48
C SER B 161 -17.36 0.04 -4.30
N ASN B 162 -16.05 -0.17 -4.21
CA ASN B 162 -15.43 -0.86 -3.09
C ASN B 162 -15.85 -2.33 -2.98
N PHE B 163 -16.24 -2.94 -4.09
CA PHE B 163 -16.62 -4.36 -4.10
C PHE B 163 -15.40 -5.30 -4.20
N THR B 164 -15.47 -6.44 -3.51
CA THR B 164 -14.54 -7.53 -3.73
C THR B 164 -14.91 -8.17 -5.06
N PRO B 165 -13.97 -8.90 -5.71
CA PRO B 165 -14.33 -9.64 -6.93
C PRO B 165 -15.51 -10.61 -6.77
N ALA B 166 -15.64 -11.29 -5.63
CA ALA B 166 -16.78 -12.18 -5.43
C ALA B 166 -18.10 -11.39 -5.33
N GLN B 167 -18.04 -10.21 -4.72
CA GLN B 167 -19.25 -9.36 -4.64
C GLN B 167 -19.59 -8.78 -6.00
N PHE B 168 -18.56 -8.46 -6.77
CA PHE B 168 -18.72 -7.97 -8.14
C PHE B 168 -19.38 -9.05 -9.00
N THR B 169 -18.87 -10.27 -8.94
CA THR B 169 -19.37 -11.36 -9.78
C THR B 169 -20.81 -11.73 -9.42
N LEU B 170 -21.13 -11.71 -8.13
CA LEU B 170 -22.50 -11.95 -7.69
C LEU B 170 -23.47 -10.98 -8.35
N LEU B 171 -23.21 -9.68 -8.27
CA LEU B 171 -24.16 -8.73 -8.84
C LEU B 171 -24.20 -8.86 -10.37
N GLN B 172 -23.03 -9.01 -10.98
CA GLN B 172 -22.95 -9.11 -12.44
C GLN B 172 -23.80 -10.27 -12.96
N SER B 173 -23.90 -11.34 -12.17
CA SER B 173 -24.55 -12.56 -12.64
C SER B 173 -26.05 -12.34 -12.81
N ARG B 174 -26.55 -11.24 -12.27
CA ARG B 174 -27.96 -10.90 -12.34
C ARG B 174 -28.30 -9.88 -13.42
N LEU B 175 -27.28 -9.29 -14.04
CA LEU B 175 -27.51 -8.13 -14.93
C LEU B 175 -27.23 -8.47 -16.39
N PRO B 176 -28.10 -8.01 -17.31
CA PRO B 176 -27.96 -8.32 -18.73
C PRO B 176 -27.02 -7.36 -19.47
N PHE B 177 -26.40 -6.45 -18.72
CA PHE B 177 -25.42 -5.53 -19.27
C PHE B 177 -24.21 -5.50 -18.35
N THR B 178 -23.10 -4.94 -18.84
CA THR B 178 -21.88 -4.99 -18.05
C THR B 178 -21.85 -3.89 -17.01
N LEU B 179 -21.56 -4.27 -15.77
CA LEU B 179 -21.20 -3.30 -14.74
C LEU B 179 -20.03 -2.46 -15.28
N ALA B 180 -20.22 -1.16 -15.27
CA ALA B 180 -19.32 -0.27 -16.00
C ALA B 180 -18.07 0.16 -15.21
N THR B 181 -18.07 -0.05 -13.89
CA THR B 181 -16.88 0.23 -13.08
C THR B 181 -16.96 -0.37 -11.68
N ASN B 182 -15.83 -0.37 -11.00
CA ASN B 182 -15.74 -0.69 -9.59
C ASN B 182 -14.82 0.39 -9.00
N GLN B 183 -15.43 1.38 -8.36
CA GLN B 183 -14.72 2.54 -7.85
C GLN B 183 -14.00 2.15 -6.56
N VAL B 184 -12.66 2.20 -6.59
CA VAL B 184 -11.86 1.69 -5.48
C VAL B 184 -10.71 2.61 -5.07
N GLU B 185 -10.20 2.41 -3.85
CA GLU B 185 -9.09 3.22 -3.34
C GLU B 185 -7.73 2.74 -3.83
N ILE B 186 -7.03 3.58 -4.57
CA ILE B 186 -5.71 3.25 -5.10
C ILE B 186 -4.75 4.43 -4.96
N SER B 187 -3.62 4.19 -4.32
CA SER B 187 -2.58 5.22 -4.17
C SER B 187 -1.31 4.54 -3.68
N PRO B 188 -0.16 5.24 -3.70
CA PRO B 188 1.03 4.66 -3.08
C PRO B 188 0.84 4.41 -1.58
N VAL B 189 -0.13 5.07 -0.97
CA VAL B 189 -0.38 4.92 0.48
C VAL B 189 -1.26 3.70 0.78
N HIS B 190 -2.05 3.29 -0.20
CA HIS B 190 -2.97 2.18 -0.03
C HIS B 190 -2.88 1.30 -1.25
N GLN B 191 -2.04 0.26 -1.15
CA GLN B 191 -1.77 -0.60 -2.30
C GLN B 191 -2.34 -2.04 -2.30
N PRO B 192 -3.22 -2.41 -1.34
CA PRO B 192 -3.58 -3.83 -1.32
C PRO B 192 -4.31 -4.32 -2.58
N LEU B 193 -5.08 -3.46 -3.23
CA LEU B 193 -5.88 -3.91 -4.37
C LEU B 193 -5.00 -4.25 -5.58
N LEU B 194 -3.72 -3.89 -5.53
CA LEU B 194 -2.82 -4.16 -6.63
C LEU B 194 -2.55 -5.66 -6.74
N LEU B 195 -2.66 -6.37 -5.61
CA LEU B 195 -2.33 -7.79 -5.59
C LEU B 195 -3.41 -8.68 -4.96
N ASP B 196 -4.49 -8.09 -4.45
CA ASP B 196 -5.48 -8.90 -3.74
C ASP B 196 -6.54 -9.47 -4.70
N GLY B 197 -6.45 -9.09 -5.97
CA GLY B 197 -7.33 -9.66 -6.98
C GLY B 197 -8.34 -8.71 -7.58
N THR B 198 -8.58 -7.58 -6.90
CA THR B 198 -9.53 -6.58 -7.37
C THR B 198 -9.14 -6.01 -8.74
N LEU B 199 -7.90 -5.56 -8.85
CA LEU B 199 -7.44 -4.91 -10.08
C LEU B 199 -7.13 -5.93 -11.16
N ASP B 200 -6.84 -7.17 -10.77
CA ASP B 200 -6.66 -8.26 -11.75
C ASP B 200 -7.98 -8.54 -12.47
N GLN B 201 -9.07 -8.62 -11.69
CA GLN B 201 -10.40 -8.87 -12.24
C GLN B 201 -10.80 -7.75 -13.19
N LEU B 202 -10.58 -6.51 -12.78
CA LEU B 202 -10.96 -5.38 -13.61
C LEU B 202 -10.19 -5.37 -14.93
N GLN B 203 -8.87 -5.56 -14.88
CA GLN B 203 -8.11 -5.67 -16.12
C GLN B 203 -8.66 -6.82 -16.97
N GLN B 204 -8.98 -7.94 -16.34
CA GLN B 204 -9.39 -9.11 -17.10
C GLN B 204 -10.68 -8.84 -17.89
N LEU B 205 -11.63 -8.16 -17.25
CA LEU B 205 -12.91 -7.81 -17.88
C LEU B 205 -12.88 -6.54 -18.71
N ARG B 206 -11.70 -5.89 -18.76
CA ARG B 206 -11.50 -4.61 -19.47
C ARG B 206 -12.42 -3.51 -18.96
N ILE B 207 -12.55 -3.47 -17.63
CA ILE B 207 -13.33 -2.48 -16.92
C ILE B 207 -12.39 -1.61 -16.11
N ARG B 208 -12.44 -0.31 -16.34
CA ARG B 208 -11.45 0.55 -15.72
C ARG B 208 -12.00 1.14 -14.42
N PRO B 209 -11.22 1.03 -13.33
CA PRO B 209 -11.72 1.56 -12.06
C PRO B 209 -11.65 3.08 -11.98
N MET B 210 -12.62 3.71 -11.35
CA MET B 210 -12.45 5.10 -10.94
C MET B 210 -11.71 5.03 -9.60
N ALA B 211 -10.64 5.80 -9.46
CA ALA B 211 -9.79 5.62 -8.29
C ALA B 211 -10.00 6.76 -7.29
N TRP B 212 -10.39 6.42 -6.06
CA TRP B 212 -10.58 7.50 -5.09
C TRP B 212 -9.46 7.48 -4.04
N SER B 213 -9.40 8.55 -3.26
CA SER B 213 -8.31 8.80 -2.31
C SER B 213 -6.92 8.71 -2.93
N CYS B 214 -6.77 9.28 -4.11
CA CYS B 214 -5.52 9.13 -4.87
C CYS B 214 -4.31 9.70 -4.14
N LEU B 215 -4.53 10.66 -3.26
CA LEU B 215 -3.44 11.31 -2.52
C LEU B 215 -3.38 10.82 -1.06
N GLY B 216 -3.89 9.61 -0.82
CA GLY B 216 -3.82 8.99 0.49
C GLY B 216 -4.85 9.47 1.49
N GLY B 217 -5.97 10.00 1.01
CA GLY B 217 -7.02 10.48 1.89
C GLY B 217 -6.52 11.59 2.80
N GLY B 218 -5.58 12.40 2.29
CA GLY B 218 -5.03 13.51 3.03
C GLY B 218 -3.69 13.26 3.71
N ARG B 219 -3.29 11.99 3.81
N ARG B 219 -3.28 12.00 3.81
CA ARG B 219 -2.08 11.62 4.56
CA ARG B 219 -2.08 11.64 4.57
C ARG B 219 -0.79 12.15 3.91
C ARG B 219 -0.77 12.12 3.92
N LEU B 220 -0.73 12.12 2.59
CA LEU B 220 0.47 12.55 1.86
C LEU B 220 0.94 13.92 2.32
N PHE B 221 0.01 14.85 2.45
CA PHE B 221 0.37 16.20 2.83
C PHE B 221 0.18 16.51 4.32
N ASN B 222 -0.77 15.85 4.97
CA ASN B 222 -1.12 16.22 6.34
C ASN B 222 -0.70 15.22 7.41
N ASP B 223 -0.25 14.04 7.01
CA ASP B 223 0.24 13.09 7.99
C ASP B 223 1.75 13.24 8.11
N GLU B 224 2.16 13.90 9.20
CA GLU B 224 3.57 14.18 9.49
C GLU B 224 4.48 12.95 9.33
N ALA B 225 3.90 11.76 9.38
CA ALA B 225 4.66 10.52 9.26
C ALA B 225 5.04 10.18 7.82
N TYR B 226 4.37 10.82 6.87
N TYR B 226 4.33 10.75 6.85
CA TYR B 226 4.70 10.65 5.46
CA TYR B 226 4.48 10.31 5.47
C TYR B 226 5.57 11.79 4.94
C TYR B 226 5.51 11.11 4.69
N GLN B 227 5.99 12.68 5.83
N GLN B 227 6.47 11.66 5.41
CA GLN B 227 6.84 13.81 5.44
CA GLN B 227 7.59 12.35 4.79
C GLN B 227 8.16 13.36 4.80
C GLN B 227 8.51 11.45 3.93
N PRO B 228 8.86 12.37 5.40
N PRO B 228 8.63 10.13 4.26
CA PRO B 228 10.04 11.95 4.63
CA PRO B 228 9.47 9.36 3.33
C PRO B 228 9.68 11.18 3.35
C PRO B 228 8.89 9.33 1.92
N LEU B 229 8.42 10.78 3.16
N LEU B 229 7.57 9.24 1.81
CA LEU B 229 8.00 10.14 1.91
CA LEU B 229 6.91 9.30 0.52
C LEU B 229 7.70 11.19 0.84
C LEU B 229 7.06 10.68 -0.11
N ARG B 230 7.15 12.33 1.26
N ARG B 230 6.91 11.75 0.70
CA ARG B 230 6.98 13.48 0.37
CA ARG B 230 6.96 13.12 0.16
C ARG B 230 8.28 13.76 -0.37
C ARG B 230 8.30 13.50 -0.47
N GLN B 231 9.39 13.44 0.30
CA GLN B 231 10.73 13.69 -0.22
C GLN B 231 11.08 12.86 -1.45
N GLU B 232 10.77 11.57 -1.42
CA GLU B 232 11.10 10.71 -2.54
C GLU B 232 10.24 11.01 -3.76
N LEU B 233 9.02 11.45 -3.51
CA LEU B 233 8.20 11.92 -4.62
C LEU B 233 8.80 13.21 -5.17
N SER B 234 9.41 14.03 -4.29
CA SER B 234 10.08 15.26 -4.73
C SER B 234 11.31 14.97 -5.57
N VAL B 235 12.10 14.00 -5.14
CA VAL B 235 13.32 13.63 -5.86
C VAL B 235 12.96 13.14 -7.25
N ILE B 236 11.95 12.28 -7.34
CA ILE B 236 11.46 11.78 -8.61
C ILE B 236 10.80 12.88 -9.45
N ALA B 237 10.13 13.83 -8.78
CA ALA B 237 9.52 14.96 -9.46
C ALA B 237 10.54 15.77 -10.25
N GLN B 238 11.74 15.91 -9.67
CA GLN B 238 12.75 16.74 -10.32
C GLN B 238 13.43 15.96 -11.45
N GLU B 239 13.54 14.64 -11.33
CA GLU B 239 14.04 13.80 -12.42
C GLU B 239 13.14 13.93 -13.65
N LEU B 240 11.84 14.12 -13.40
CA LEU B 240 10.85 14.17 -14.47
C LEU B 240 10.57 15.61 -14.89
N ASN B 241 11.17 16.55 -14.17
CA ASN B 241 10.84 17.96 -14.30
C ASN B 241 9.34 18.19 -14.19
N ALA B 242 8.74 17.52 -13.22
CA ALA B 242 7.34 17.71 -12.88
C ALA B 242 7.23 18.89 -11.92
N SER B 243 6.14 19.64 -12.03
CA SER B 243 5.94 20.86 -11.27
C SER B 243 5.60 20.60 -9.80
N SER B 244 5.11 19.40 -9.49
CA SER B 244 4.69 19.09 -8.14
C SER B 244 4.61 17.60 -7.90
N ILE B 245 4.46 17.20 -6.64
CA ILE B 245 4.49 15.78 -6.33
C ILE B 245 3.15 15.13 -6.65
N GLU B 246 2.06 15.91 -6.65
CA GLU B 246 0.75 15.40 -7.04
C GLU B 246 0.78 14.79 -8.43
N GLN B 247 1.47 15.46 -9.35
CA GLN B 247 1.57 14.99 -10.74
C GLN B 247 2.27 13.64 -10.81
N VAL B 248 3.25 13.44 -9.95
CA VAL B 248 3.98 12.18 -9.88
C VAL B 248 3.07 11.06 -9.33
N VAL B 249 2.26 11.38 -8.33
CA VAL B 249 1.38 10.37 -7.75
C VAL B 249 0.30 9.97 -8.74
N TYR B 250 -0.28 10.94 -9.44
CA TYR B 250 -1.26 10.64 -10.47
C TYR B 250 -0.64 9.80 -11.59
N ALA B 251 0.55 10.20 -12.06
CA ALA B 251 1.27 9.39 -13.05
C ALA B 251 1.47 7.94 -12.56
N TRP B 252 1.77 7.80 -11.27
CA TRP B 252 1.97 6.48 -10.66
C TRP B 252 0.73 5.61 -10.82
N ILE B 253 -0.43 6.23 -10.56
CA ILE B 253 -1.72 5.55 -10.67
C ILE B 253 -2.05 5.23 -12.13
N LEU B 254 -1.87 6.21 -13.03
CA LEU B 254 -2.16 6.00 -14.44
C LEU B 254 -1.35 4.85 -15.05
N ARG B 255 -0.18 4.62 -14.49
CA ARG B 255 0.73 3.59 -14.98
C ARG B 255 0.18 2.17 -14.77
N LEU B 256 -0.75 2.03 -13.83
CA LEU B 256 -1.34 0.71 -13.53
C LEU B 256 -2.06 0.14 -14.76
N PRO B 257 -1.89 -1.17 -15.03
CA PRO B 257 -2.48 -1.79 -16.23
C PRO B 257 -4.02 -1.93 -16.21
N SER B 258 -4.66 -1.71 -15.05
CA SER B 258 -6.13 -1.62 -15.04
C SER B 258 -6.57 -0.27 -15.60
N GLN B 259 -5.61 0.62 -15.81
CA GLN B 259 -5.83 1.95 -16.40
C GLN B 259 -6.90 2.77 -15.64
N PRO B 260 -6.62 3.10 -14.37
CA PRO B 260 -7.58 3.81 -13.53
C PRO B 260 -7.90 5.24 -14.01
N LEU B 261 -9.07 5.74 -13.63
CA LEU B 261 -9.48 7.13 -13.86
C LEU B 261 -9.44 7.84 -12.52
N PRO B 262 -8.40 8.66 -12.29
CA PRO B 262 -8.26 9.28 -10.97
C PRO B 262 -9.33 10.32 -10.68
N ILE B 263 -9.89 10.28 -9.47
CA ILE B 263 -10.85 11.29 -9.04
C ILE B 263 -10.12 12.41 -8.31
N ILE B 264 -10.27 13.63 -8.83
CA ILE B 264 -9.72 14.84 -8.22
C ILE B 264 -10.74 15.46 -7.26
N GLY B 265 -10.30 15.85 -6.07
CA GLY B 265 -11.21 16.35 -5.07
C GLY B 265 -10.98 17.77 -4.62
N SER B 266 -10.01 18.45 -5.22
CA SER B 266 -9.69 19.81 -4.81
C SER B 266 -10.60 20.83 -5.48
N GLY B 267 -11.15 21.73 -4.67
CA GLY B 267 -12.01 22.78 -5.18
C GLY B 267 -11.25 24.01 -5.64
N LYS B 268 -9.96 23.85 -5.91
CA LYS B 268 -9.17 24.94 -6.47
C LYS B 268 -8.57 24.53 -7.82
N ILE B 269 -8.74 25.41 -8.81
CA ILE B 269 -8.67 25.01 -10.22
C ILE B 269 -7.28 24.70 -10.80
N GLU B 270 -6.20 25.34 -10.38
CA GLU B 270 -4.93 24.94 -10.98
C GLU B 270 -4.26 23.84 -10.12
N ARG B 271 -4.89 23.42 -9.03
CA ARG B 271 -4.47 22.11 -8.53
C ARG B 271 -5.15 21.03 -9.38
N VAL B 272 -6.31 21.34 -9.95
CA VAL B 272 -6.87 20.52 -11.02
C VAL B 272 -5.96 20.51 -12.25
N ARG B 273 -5.59 21.71 -12.73
CA ARG B 273 -4.71 21.83 -13.88
C ARG B 273 -3.39 21.12 -13.66
N ALA B 274 -2.87 21.23 -12.43
CA ALA B 274 -1.63 20.59 -12.07
C ALA B 274 -1.76 19.08 -12.16
N ALA B 275 -2.92 18.59 -11.73
CA ALA B 275 -3.22 17.17 -11.80
C ALA B 275 -3.20 16.68 -13.23
N LEU B 276 -3.77 17.46 -14.14
CA LEU B 276 -3.96 17.03 -15.53
C LEU B 276 -2.66 16.97 -16.31
N GLU B 277 -1.60 17.53 -15.75
CA GLU B 277 -0.29 17.48 -16.38
C GLU B 277 0.37 16.09 -16.22
N ALA B 278 -0.23 15.23 -15.39
CA ALA B 278 0.29 13.88 -15.20
C ALA B 278 0.17 13.03 -16.46
N GLU B 279 -0.78 13.36 -17.33
CA GLU B 279 -0.92 12.65 -18.60
C GLU B 279 0.37 12.65 -19.44
N THR B 280 1.22 13.66 -19.24
CA THR B 280 2.40 13.83 -20.08
C THR B 280 3.71 13.32 -19.45
N LEU B 281 3.66 12.85 -18.21
CA LEU B 281 4.85 12.33 -17.55
C LEU B 281 5.03 10.85 -17.86
N SER B 282 6.18 10.47 -18.43
CA SER B 282 6.46 9.06 -18.63
C SER B 282 7.31 8.53 -17.49
N LEU B 283 6.64 7.86 -16.55
N LEU B 283 6.67 7.82 -16.56
CA LEU B 283 7.31 7.18 -15.46
CA LEU B 283 7.32 7.26 -15.38
C LEU B 283 8.06 5.98 -15.99
C LEU B 283 7.95 5.90 -15.69
N THR B 284 9.25 5.77 -15.47
CA THR B 284 9.96 4.52 -15.73
C THR B 284 9.49 3.47 -14.73
N ARG B 285 9.77 2.21 -15.02
CA ARG B 285 9.42 1.15 -14.08
C ARG B 285 10.19 1.33 -12.77
N GLN B 286 11.49 1.66 -12.86
CA GLN B 286 12.29 1.83 -11.66
C GLN B 286 11.76 3.00 -10.83
N GLN B 287 11.30 4.05 -11.49
CA GLN B 287 10.67 5.16 -10.77
C GLN B 287 9.35 4.71 -10.11
N TRP B 288 8.60 3.88 -10.83
CA TRP B 288 7.33 3.38 -10.30
C TRP B 288 7.58 2.52 -9.07
N PHE B 289 8.58 1.64 -9.12
CA PHE B 289 8.86 0.75 -8.00
C PHE B 289 9.54 1.48 -6.84
N ARG B 290 10.33 2.50 -7.14
CA ARG B 290 10.95 3.31 -6.09
C ARG B 290 9.89 3.99 -5.24
N ILE B 291 8.83 4.47 -5.89
CA ILE B 291 7.70 5.08 -5.21
C ILE B 291 7.00 4.05 -4.33
N ARG B 292 6.65 2.91 -4.93
CA ARG B 292 6.00 1.82 -4.20
C ARG B 292 6.74 1.43 -2.92
N LYS B 293 8.06 1.28 -3.00
CA LYS B 293 8.84 0.84 -1.85
C LYS B 293 9.01 1.97 -0.83
N ALA B 294 9.11 3.21 -1.28
CA ALA B 294 9.23 4.34 -0.36
C ALA B 294 7.98 4.49 0.51
N ALA B 295 6.85 4.04 -0.04
CA ALA B 295 5.58 4.16 0.65
C ALA B 295 5.26 2.99 1.60
N LEU B 296 5.72 1.78 1.28
CA LEU B 296 5.28 0.59 2.00
C LEU B 296 5.80 0.48 3.43
N MET C 4 13.46 -46.02 -13.36
CA MET C 4 13.69 -44.61 -13.66
C MET C 4 12.47 -43.73 -13.38
N VAL C 5 12.70 -42.42 -13.31
CA VAL C 5 11.65 -41.48 -13.00
C VAL C 5 10.51 -41.50 -14.01
N GLN C 6 9.28 -41.61 -13.50
CA GLN C 6 8.08 -41.60 -14.33
C GLN C 6 8.01 -40.32 -15.17
N ARG C 7 7.38 -40.41 -16.33
CA ARG C 7 7.13 -39.23 -17.16
C ARG C 7 5.68 -38.83 -17.01
N VAL C 8 5.41 -37.53 -17.07
CA VAL C 8 4.08 -37.03 -16.79
C VAL C 8 3.69 -35.91 -17.75
N THR C 9 2.45 -35.90 -18.17
CA THR C 9 1.92 -34.77 -18.93
C THR C 9 1.46 -33.71 -17.92
N ILE C 10 2.09 -32.53 -17.95
CA ILE C 10 1.87 -31.56 -16.88
C ILE C 10 0.57 -30.76 -17.02
N ALA C 11 -0.01 -30.73 -18.21
CA ALA C 11 -1.24 -29.96 -18.47
C ALA C 11 -1.92 -30.54 -19.70
N PRO C 12 -3.25 -30.33 -19.86
N PRO C 12 -3.23 -30.25 -19.88
CA PRO C 12 -4.04 -30.98 -20.93
CA PRO C 12 -3.89 -30.52 -21.15
C PRO C 12 -3.37 -31.02 -22.31
C PRO C 12 -3.17 -29.79 -22.30
N GLN C 13 -2.92 -29.89 -22.82
N GLN C 13 -2.85 -30.53 -23.36
CA GLN C 13 -2.21 -29.85 -24.09
CA GLN C 13 -2.05 -30.04 -24.50
C GLN C 13 -0.71 -29.67 -23.88
C GLN C 13 -0.61 -29.72 -24.09
N GLY C 14 -0.27 -29.84 -22.63
N GLY C 14 -0.25 -30.02 -22.86
CA GLY C 14 1.09 -29.51 -22.24
CA GLY C 14 1.04 -29.64 -22.31
C GLY C 14 2.13 -30.53 -22.63
C GLY C 14 2.16 -30.59 -22.66
N PRO C 15 3.41 -30.22 -22.36
CA PRO C 15 4.54 -31.08 -22.64
C PRO C 15 4.59 -32.27 -21.69
N GLU C 16 5.43 -33.24 -22.02
CA GLU C 16 5.69 -34.37 -21.16
C GLU C 16 7.01 -34.13 -20.43
N PHE C 17 6.93 -34.07 -19.10
CA PHE C 17 8.10 -33.85 -18.25
C PHE C 17 8.46 -35.09 -17.44
N SER C 18 9.65 -35.09 -16.86
CA SER C 18 9.93 -36.09 -15.83
C SER C 18 9.28 -35.59 -14.53
N ARG C 19 8.77 -36.51 -13.73
CA ARG C 19 8.07 -36.18 -12.49
C ARG C 19 8.94 -35.40 -11.50
N PHE C 20 10.24 -35.69 -11.53
CA PHE C 20 11.19 -34.90 -10.76
C PHE C 20 11.99 -33.99 -11.71
N VAL C 21 12.24 -32.76 -11.26
CA VAL C 21 12.90 -31.75 -12.09
C VAL C 21 14.24 -31.33 -11.48
N MET C 22 15.29 -31.34 -12.29
CA MET C 22 16.58 -30.84 -11.80
C MET C 22 16.66 -29.33 -11.91
N GLY C 23 16.77 -28.65 -10.77
CA GLY C 23 16.84 -27.19 -10.73
C GLY C 23 18.29 -26.69 -10.69
N TYR C 24 18.58 -25.66 -11.47
CA TYR C 24 19.96 -25.20 -11.61
C TYR C 24 20.20 -23.79 -11.06
N TRP C 25 19.36 -23.34 -10.13
CA TRP C 25 19.52 -21.99 -9.60
C TRP C 25 20.79 -21.85 -8.77
N ARG C 26 21.31 -22.96 -8.23
CA ARG C 26 22.52 -22.95 -7.39
C ARG C 26 23.78 -23.36 -8.16
N LEU C 27 23.67 -23.50 -9.48
CA LEU C 27 24.75 -24.03 -10.31
C LEU C 27 26.11 -23.37 -10.06
N MET C 28 26.16 -22.05 -9.98
CA MET C 28 27.44 -21.36 -9.79
C MET C 28 28.12 -21.74 -8.46
N ASP C 29 27.32 -22.06 -7.44
CA ASP C 29 27.86 -22.41 -6.13
C ASP C 29 28.47 -23.81 -6.10
N TRP C 30 28.11 -24.65 -7.07
CA TRP C 30 28.63 -26.02 -7.12
C TRP C 30 30.10 -26.06 -7.54
N ASN C 31 30.55 -24.99 -8.20
CA ASN C 31 31.92 -24.89 -8.70
C ASN C 31 32.29 -26.06 -9.62
N MET C 32 31.45 -26.27 -10.64
CA MET C 32 31.68 -27.31 -11.64
C MET C 32 32.34 -26.75 -12.90
N SER C 33 33.29 -27.49 -13.44
CA SER C 33 33.80 -27.22 -14.78
C SER C 33 32.71 -27.60 -15.77
N ALA C 34 32.82 -27.14 -17.00
CA ALA C 34 31.82 -27.46 -18.01
C ALA C 34 31.76 -28.97 -18.22
N ARG C 35 32.92 -29.63 -18.17
CA ARG C 35 33.00 -31.09 -18.35
C ARG C 35 32.35 -31.85 -17.20
N GLN C 36 32.55 -31.37 -15.98
CA GLN C 36 31.88 -31.98 -14.83
C GLN C 36 30.36 -31.82 -14.89
N LEU C 37 29.91 -30.69 -15.44
CA LEU C 37 28.48 -30.45 -15.60
C LEU C 37 27.89 -31.41 -16.65
N VAL C 38 28.64 -31.67 -17.71
CA VAL C 38 28.24 -32.65 -18.71
C VAL C 38 27.96 -33.99 -18.05
N SER C 39 28.90 -34.45 -17.23
CA SER C 39 28.77 -35.73 -16.54
C SER C 39 27.57 -35.77 -15.60
N PHE C 40 27.36 -34.68 -14.86
CA PHE C 40 26.23 -34.57 -13.94
C PHE C 40 24.89 -34.64 -14.66
N ILE C 41 24.78 -33.91 -15.78
CA ILE C 41 23.60 -33.95 -16.62
C ILE C 41 23.36 -35.38 -17.12
N GLU C 42 24.39 -36.00 -17.69
CA GLU C 42 24.31 -37.38 -18.16
C GLU C 42 23.87 -38.32 -17.05
N GLU C 43 24.30 -38.06 -15.83
CA GLU C 43 23.97 -38.94 -14.71
C GLU C 43 22.52 -38.82 -14.26
N HIS C 44 21.94 -37.62 -14.28
CA HIS C 44 20.55 -37.54 -13.85
C HIS C 44 19.64 -37.92 -15.03
N LEU C 45 20.14 -37.73 -16.24
CA LEU C 45 19.48 -38.20 -17.45
C LEU C 45 19.28 -39.72 -17.41
N ASP C 46 20.34 -40.43 -17.02
CA ASP C 46 20.33 -41.88 -16.85
C ASP C 46 19.30 -42.34 -15.84
N LEU C 47 19.06 -41.54 -14.82
CA LEU C 47 18.08 -41.87 -13.79
C LEU C 47 16.66 -41.51 -14.23
N GLY C 48 16.53 -40.84 -15.38
CA GLY C 48 15.23 -40.48 -15.91
C GLY C 48 14.81 -39.05 -15.67
N VAL C 49 15.71 -38.24 -15.11
CA VAL C 49 15.43 -36.82 -14.91
C VAL C 49 15.77 -36.03 -16.16
N THR C 50 14.75 -35.72 -16.96
CA THR C 50 14.96 -35.04 -18.23
C THR C 50 14.61 -33.55 -18.23
N THR C 51 13.75 -33.13 -17.31
CA THR C 51 13.32 -31.74 -17.26
C THR C 51 14.23 -30.91 -16.35
N VAL C 52 14.68 -29.76 -16.85
CA VAL C 52 15.61 -28.92 -16.09
C VAL C 52 15.08 -27.50 -15.99
N ASP C 53 15.32 -26.88 -14.84
CA ASP C 53 14.71 -25.61 -14.53
C ASP C 53 15.76 -24.51 -14.38
N HIS C 54 15.60 -23.45 -15.18
CA HIS C 54 16.52 -22.30 -15.22
C HIS C 54 15.78 -20.98 -15.05
N ALA C 55 16.52 -19.88 -14.98
CA ALA C 55 15.93 -18.54 -15.04
C ALA C 55 17.00 -17.56 -15.50
N ASP C 56 16.59 -16.47 -16.14
CA ASP C 56 17.58 -15.51 -16.61
C ASP C 56 18.43 -14.97 -15.44
N ILE C 57 17.81 -14.70 -14.29
CA ILE C 57 18.52 -14.04 -13.19
C ILE C 57 19.46 -14.95 -12.36
N TYR C 58 19.28 -16.27 -12.43
CA TYR C 58 19.99 -17.17 -11.51
C TYR C 58 21.50 -16.99 -11.58
N GLY C 59 22.14 -17.01 -10.42
CA GLY C 59 23.58 -16.92 -10.31
C GLY C 59 24.11 -15.60 -10.83
N GLY C 60 23.30 -14.55 -10.68
CA GLY C 60 23.69 -13.24 -11.13
C GLY C 60 23.77 -13.18 -12.65
N TYR C 61 22.75 -13.75 -13.30
CA TYR C 61 22.67 -13.82 -14.76
C TYR C 61 23.83 -14.63 -15.34
N GLN C 62 24.19 -15.73 -14.68
CA GLN C 62 25.32 -16.54 -15.14
C GLN C 62 25.00 -18.02 -15.36
N CYS C 63 23.97 -18.52 -14.69
CA CYS C 63 23.72 -19.97 -14.68
C CYS C 63 23.31 -20.49 -16.06
N GLU C 64 22.49 -19.73 -16.78
CA GLU C 64 22.07 -20.16 -18.11
C GLU C 64 23.28 -20.40 -19.01
N ALA C 65 24.19 -19.43 -19.03
CA ALA C 65 25.36 -19.49 -19.90
C ALA C 65 26.30 -20.63 -19.50
N ALA C 66 26.41 -20.89 -18.20
CA ALA C 66 27.23 -22.00 -17.72
C ALA C 66 26.65 -23.33 -18.21
N PHE C 67 25.33 -23.40 -18.24
CA PHE C 67 24.66 -24.59 -18.73
C PHE C 67 24.87 -24.78 -20.23
N GLY C 68 24.79 -23.70 -20.99
CA GLY C 68 24.99 -23.76 -22.43
C GLY C 68 26.40 -24.17 -22.83
N GLU C 69 27.37 -23.94 -21.96
CA GLU C 69 28.73 -24.40 -22.22
C GLU C 69 28.82 -25.91 -22.18
N ALA C 70 28.05 -26.53 -21.29
CA ALA C 70 27.98 -27.99 -21.22
C ALA C 70 27.27 -28.55 -22.45
N LEU C 71 26.18 -27.90 -22.83
CA LEU C 71 25.44 -28.31 -24.03
C LEU C 71 26.27 -28.18 -25.30
N THR C 72 27.22 -27.25 -25.29
CA THR C 72 28.06 -27.04 -26.46
C THR C 72 29.09 -28.17 -26.56
N LEU C 73 29.59 -28.63 -25.42
CA LEU C 73 30.51 -29.77 -25.39
C LEU C 73 29.80 -31.09 -25.72
N ALA C 74 28.51 -31.15 -25.43
CA ALA C 74 27.74 -32.38 -25.66
C ALA C 74 26.36 -32.07 -26.27
N PRO C 75 26.35 -31.73 -27.57
CA PRO C 75 25.15 -31.23 -28.27
C PRO C 75 24.05 -32.27 -28.45
N HIS C 76 24.37 -33.55 -28.27
CA HIS C 76 23.38 -34.60 -28.36
C HIS C 76 22.42 -34.57 -27.15
N LEU C 77 22.85 -33.94 -26.07
CA LEU C 77 22.07 -33.90 -24.84
C LEU C 77 20.81 -33.07 -24.98
N ARG C 78 20.89 -32.02 -25.79
CA ARG C 78 19.81 -31.05 -25.97
C ARG C 78 18.45 -31.70 -26.24
N GLU C 79 18.42 -32.60 -27.21
CA GLU C 79 17.19 -33.28 -27.60
C GLU C 79 16.62 -34.14 -26.49
N LYS C 80 17.47 -34.51 -25.53
CA LYS C 80 17.07 -35.42 -24.48
C LYS C 80 16.48 -34.68 -23.28
N LEU C 81 16.57 -33.36 -23.30
CA LEU C 81 16.11 -32.54 -22.18
C LEU C 81 14.86 -31.74 -22.51
N GLN C 82 14.07 -31.46 -21.48
CA GLN C 82 13.05 -30.41 -21.57
C GLN C 82 13.58 -29.24 -20.76
N ILE C 83 13.84 -28.14 -21.43
CA ILE C 83 14.40 -26.98 -20.76
C ILE C 83 13.35 -25.93 -20.44
N VAL C 84 13.28 -25.58 -19.17
CA VAL C 84 12.35 -24.59 -18.68
C VAL C 84 13.15 -23.40 -18.20
N THR C 85 12.79 -22.20 -18.64
CA THR C 85 13.42 -21.02 -18.08
C THR C 85 12.39 -19.92 -17.83
N LYS C 86 12.86 -18.79 -17.29
CA LYS C 86 11.95 -17.75 -16.81
C LYS C 86 12.50 -16.36 -17.05
N CYS C 87 11.60 -15.38 -17.03
CA CYS C 87 11.97 -13.97 -17.06
C CYS C 87 10.91 -13.17 -16.28
N GLY C 88 11.20 -11.91 -15.98
CA GLY C 88 10.27 -11.07 -15.26
C GLY C 88 10.88 -10.34 -14.07
N ILE C 89 11.98 -10.88 -13.56
CA ILE C 89 12.65 -10.21 -12.45
C ILE C 89 13.89 -9.44 -12.92
N ALA C 90 14.11 -8.27 -12.33
CA ALA C 90 15.30 -7.48 -12.59
C ALA C 90 16.08 -7.27 -11.30
N THR C 91 17.32 -7.77 -11.24
CA THR C 91 18.10 -7.72 -10.00
C THR C 91 19.22 -6.71 -10.14
N THR C 92 19.83 -6.36 -9.01
CA THR C 92 20.91 -5.38 -9.00
C THR C 92 22.25 -6.00 -9.43
N ALA C 93 22.22 -7.24 -9.92
CA ALA C 93 23.40 -7.85 -10.51
C ALA C 93 23.69 -7.16 -11.84
N ARG C 94 22.68 -6.52 -12.42
CA ARG C 94 22.87 -5.67 -13.59
C ARG C 94 22.93 -4.22 -13.14
N ALA C 95 23.99 -3.53 -13.55
CA ALA C 95 24.31 -2.17 -13.09
C ALA C 95 23.18 -1.17 -13.36
N GLU C 96 22.42 -1.37 -14.43
CA GLU C 96 21.36 -0.46 -14.81
C GLU C 96 20.16 -0.56 -13.85
N ASN C 97 20.07 -1.68 -13.16
CA ASN C 97 19.03 -1.87 -12.16
C ASN C 97 19.49 -1.41 -10.79
N LYS C 98 19.04 -0.22 -10.39
CA LYS C 98 19.48 0.41 -9.15
C LYS C 98 18.72 -0.13 -7.96
N LEU C 99 17.59 -0.78 -8.24
CA LEU C 99 16.86 -1.54 -7.24
C LEU C 99 16.24 -2.77 -7.88
N GLY C 100 16.02 -3.82 -7.11
CA GLY C 100 15.31 -4.98 -7.60
C GLY C 100 13.88 -4.59 -7.97
N HIS C 101 13.39 -5.08 -9.11
CA HIS C 101 12.02 -4.85 -9.52
C HIS C 101 11.59 -5.87 -10.57
N TYR C 102 10.44 -5.62 -11.19
CA TYR C 102 9.87 -6.52 -12.18
C TYR C 102 9.80 -5.84 -13.53
N ILE C 103 10.01 -6.62 -14.59
CA ILE C 103 9.83 -6.13 -15.94
C ILE C 103 9.09 -7.19 -16.74
N THR C 104 7.85 -6.89 -17.11
CA THR C 104 7.06 -7.85 -17.87
C THR C 104 6.50 -7.26 -19.16
N ASP C 105 7.15 -6.22 -19.68
CA ASP C 105 6.78 -5.65 -20.95
C ASP C 105 7.08 -6.62 -22.10
N ARG C 106 6.37 -6.44 -23.22
CA ARG C 106 6.48 -7.31 -24.38
C ARG C 106 7.92 -7.46 -24.92
N ARG C 107 8.63 -6.36 -25.10
CA ARG C 107 9.93 -6.44 -25.75
C ARG C 107 10.97 -7.08 -24.81
N HIS C 108 10.88 -6.80 -23.50
CA HIS C 108 11.76 -7.45 -22.54
C HIS C 108 11.56 -8.97 -22.49
N ILE C 109 10.32 -9.42 -22.56
CA ILE C 109 10.04 -10.85 -22.56
C ILE C 109 10.68 -11.49 -23.79
N ILE C 110 10.48 -10.86 -24.94
CA ILE C 110 11.04 -11.38 -26.17
C ILE C 110 12.56 -11.39 -26.13
N LEU C 111 13.15 -10.28 -25.69
CA LEU C 111 14.60 -10.17 -25.64
C LEU C 111 15.20 -11.12 -24.60
N SER C 112 14.50 -11.32 -23.49
CA SER C 112 14.96 -12.28 -22.47
C SER C 112 15.00 -13.71 -22.99
N ALA C 113 13.94 -14.13 -23.66
CA ALA C 113 13.87 -15.46 -24.25
C ALA C 113 14.96 -15.67 -25.28
N GLU C 114 15.23 -14.63 -26.07
CA GLU C 114 16.25 -14.73 -27.10
C GLU C 114 17.65 -14.78 -26.49
N GLN C 115 17.88 -14.02 -25.42
CA GLN C 115 19.14 -14.16 -24.68
C GLN C 115 19.29 -15.56 -24.09
N SER C 116 18.18 -16.11 -23.59
CA SER C 116 18.17 -17.46 -23.04
C SER C 116 18.61 -18.47 -24.10
N LEU C 117 18.04 -18.36 -25.29
CA LEU C 117 18.46 -19.20 -26.42
C LEU C 117 19.96 -19.12 -26.68
N LYS C 118 20.51 -17.92 -26.68
CA LYS C 118 21.93 -17.74 -26.92
C LYS C 118 22.76 -18.30 -25.76
N ASN C 119 22.34 -18.02 -24.54
CA ASN C 119 23.03 -18.53 -23.34
C ASN C 119 23.07 -20.05 -23.28
N LEU C 120 21.91 -20.67 -23.47
CA LEU C 120 21.77 -22.12 -23.37
C LEU C 120 22.30 -22.83 -24.62
N ALA C 121 22.71 -22.06 -25.61
CA ALA C 121 23.21 -22.56 -26.89
C ALA C 121 22.23 -23.54 -27.54
N THR C 122 20.98 -23.10 -27.69
CA THR C 122 19.94 -23.91 -28.30
C THR C 122 18.96 -23.02 -29.07
N ASP C 123 18.21 -23.59 -30.01
CA ASP C 123 17.33 -22.77 -30.83
C ASP C 123 15.88 -22.80 -30.39
N TYR C 124 15.57 -23.55 -29.34
CA TYR C 124 14.21 -23.51 -28.78
C TYR C 124 14.20 -23.80 -27.28
N LEU C 125 13.20 -23.25 -26.60
CA LEU C 125 12.93 -23.54 -25.20
C LEU C 125 11.65 -24.37 -25.14
N ASP C 126 11.62 -25.35 -24.25
CA ASP C 126 10.42 -26.18 -24.08
C ASP C 126 9.34 -25.41 -23.36
N MET C 127 9.72 -24.63 -22.37
CA MET C 127 8.77 -23.78 -21.67
C MET C 127 9.39 -22.49 -21.13
N LEU C 128 8.64 -21.40 -21.24
CA LEU C 128 9.05 -20.12 -20.67
C LEU C 128 8.03 -19.67 -19.63
N LEU C 129 8.51 -19.26 -18.46
CA LEU C 129 7.64 -18.82 -17.37
C LEU C 129 7.79 -17.32 -17.06
N ILE C 130 6.69 -16.68 -16.67
CA ILE C 130 6.77 -15.42 -15.94
C ILE C 130 7.16 -15.75 -14.50
N HIS C 131 8.29 -15.21 -14.07
CA HIS C 131 8.94 -15.63 -12.83
C HIS C 131 8.14 -15.25 -11.60
N ARG C 132 7.53 -14.07 -11.64
CA ARG C 132 6.77 -13.58 -10.50
C ARG C 132 5.63 -12.67 -10.98
N PRO C 133 4.52 -12.63 -10.22
CA PRO C 133 3.44 -11.71 -10.58
C PRO C 133 3.88 -10.26 -10.38
N ASP C 134 3.67 -9.45 -11.41
CA ASP C 134 4.09 -8.08 -11.45
C ASP C 134 2.86 -7.19 -11.38
N PRO C 135 2.76 -6.31 -10.37
CA PRO C 135 1.59 -5.42 -10.28
C PRO C 135 1.41 -4.60 -11.57
N LEU C 136 2.51 -4.39 -12.30
CA LEU C 136 2.45 -3.68 -13.58
C LEU C 136 2.19 -4.62 -14.77
N MET C 137 1.93 -5.89 -14.50
CA MET C 137 1.69 -6.83 -15.59
C MET C 137 0.46 -6.49 -16.43
N ASP C 138 0.70 -6.26 -17.71
CA ASP C 138 -0.34 -6.07 -18.70
C ASP C 138 -0.46 -7.36 -19.50
N ALA C 139 -1.54 -8.10 -19.26
CA ALA C 139 -1.68 -9.46 -19.79
C ALA C 139 -1.69 -9.50 -21.33
N ASP C 140 -2.22 -8.44 -21.95
CA ASP C 140 -2.23 -8.31 -23.42
C ASP C 140 -0.80 -8.27 -23.96
N ASP C 141 0.07 -7.57 -23.24
CA ASP C 141 1.46 -7.43 -23.63
C ASP C 141 2.22 -8.74 -23.52
N VAL C 142 2.01 -9.46 -22.42
CA VAL C 142 2.59 -10.78 -22.23
C VAL C 142 2.10 -11.72 -23.32
N ALA C 143 0.80 -11.70 -23.59
CA ALA C 143 0.22 -12.52 -24.65
C ALA C 143 0.84 -12.22 -26.01
N GLU C 144 1.06 -10.95 -26.33
CA GLU C 144 1.73 -10.61 -27.59
C GLU C 144 3.11 -11.27 -27.64
N ALA C 145 3.87 -11.13 -26.57
CA ALA C 145 5.21 -11.71 -26.53
C ALA C 145 5.14 -13.23 -26.70
N PHE C 146 4.29 -13.88 -25.90
CA PHE C 146 4.14 -15.32 -25.97
C PHE C 146 3.71 -15.76 -27.37
N GLN C 147 2.76 -15.04 -27.97
CA GLN C 147 2.32 -15.29 -29.34
C GLN C 147 3.49 -15.27 -30.33
N HIS C 148 4.32 -14.24 -30.22
CA HIS C 148 5.42 -14.11 -31.14
C HIS C 148 6.41 -15.26 -30.98
N LEU C 149 6.75 -15.56 -29.73
CA LEU C 149 7.73 -16.61 -29.43
C LEU C 149 7.20 -18.00 -29.87
N HIS C 150 5.90 -18.19 -29.73
CA HIS C 150 5.27 -19.44 -30.15
C HIS C 150 5.22 -19.55 -31.68
N GLN C 151 4.87 -18.44 -32.33
CA GLN C 151 4.79 -18.39 -33.79
C GLN C 151 6.11 -18.76 -34.48
N SER C 152 7.24 -18.46 -33.85
CA SER C 152 8.53 -18.63 -34.49
C SER C 152 9.21 -19.95 -34.12
N GLY C 153 8.60 -20.69 -33.21
CA GLY C 153 9.17 -21.97 -32.79
C GLY C 153 10.19 -21.82 -31.67
N LYS C 154 10.45 -20.60 -31.25
CA LYS C 154 11.47 -20.37 -30.25
C LYS C 154 11.06 -20.91 -28.88
N VAL C 155 9.76 -20.87 -28.58
CA VAL C 155 9.25 -21.40 -27.33
C VAL C 155 8.01 -22.27 -27.56
N ARG C 156 8.02 -23.48 -27.00
CA ARG C 156 6.97 -24.46 -27.24
C ARG C 156 5.75 -24.33 -26.31
N HIS C 157 5.97 -24.01 -25.04
CA HIS C 157 4.89 -23.92 -24.06
C HIS C 157 5.17 -22.79 -23.09
N PHE C 158 4.16 -22.40 -22.33
CA PHE C 158 4.24 -21.22 -21.48
C PHE C 158 3.59 -21.49 -20.13
N GLY C 159 4.10 -20.83 -19.09
CA GLY C 159 3.53 -20.97 -17.76
C GLY C 159 3.89 -19.78 -16.92
N VAL C 160 3.59 -19.88 -15.63
CA VAL C 160 3.89 -18.83 -14.68
C VAL C 160 4.49 -19.42 -13.42
N SER C 161 4.91 -18.54 -12.51
CA SER C 161 5.48 -18.94 -11.24
C SER C 161 5.01 -17.97 -10.15
N ASN C 162 4.52 -18.54 -9.04
CA ASN C 162 4.12 -17.80 -7.85
C ASN C 162 2.91 -16.90 -8.04
N PHE C 163 2.06 -17.25 -8.99
CA PHE C 163 0.82 -16.51 -9.26
C PHE C 163 -0.32 -16.92 -8.32
N THR C 164 -1.14 -15.93 -7.93
CA THR C 164 -2.40 -16.20 -7.27
C THR C 164 -3.33 -16.76 -8.33
N PRO C 165 -4.44 -17.40 -7.91
CA PRO C 165 -5.41 -17.84 -8.94
C PRO C 165 -5.99 -16.71 -9.79
N ALA C 166 -6.18 -15.51 -9.23
CA ALA C 166 -6.71 -14.40 -10.02
C ALA C 166 -5.67 -13.90 -11.04
N GLN C 167 -4.41 -13.86 -10.64
CA GLN C 167 -3.36 -13.50 -11.61
C GLN C 167 -3.24 -14.55 -12.72
N PHE C 168 -3.39 -15.82 -12.35
CA PHE C 168 -3.34 -16.92 -13.30
C PHE C 168 -4.49 -16.79 -14.30
N THR C 169 -5.70 -16.54 -13.80
CA THR C 169 -6.86 -16.44 -14.67
C THR C 169 -6.78 -15.23 -15.61
N LEU C 170 -6.27 -14.13 -15.08
CA LEU C 170 -6.05 -12.93 -15.89
C LEU C 170 -5.18 -13.25 -17.12
N LEU C 171 -4.02 -13.85 -16.88
CA LEU C 171 -3.10 -14.09 -17.98
C LEU C 171 -3.73 -15.12 -18.92
N GLN C 172 -4.32 -16.17 -18.35
CA GLN C 172 -4.89 -17.24 -19.16
C GLN C 172 -5.95 -16.72 -20.13
N SER C 173 -6.74 -15.75 -19.68
CA SER C 173 -7.83 -15.20 -20.50
C SER C 173 -7.33 -14.67 -21.85
N ARG C 174 -6.07 -14.27 -21.91
CA ARG C 174 -5.53 -13.65 -23.11
C ARG C 174 -4.89 -14.67 -24.06
N LEU C 175 -4.71 -15.90 -23.60
CA LEU C 175 -3.93 -16.89 -24.36
C LEU C 175 -4.76 -17.93 -25.08
N PRO C 176 -4.39 -18.24 -26.33
CA PRO C 176 -5.08 -19.26 -27.12
C PRO C 176 -4.63 -20.68 -26.75
N PHE C 177 -3.59 -20.78 -25.93
CA PHE C 177 -3.12 -22.08 -25.44
C PHE C 177 -3.08 -22.11 -23.91
N THR C 178 -3.19 -23.31 -23.34
CA THR C 178 -3.23 -23.49 -21.90
C THR C 178 -1.89 -23.20 -21.22
N LEU C 179 -1.92 -22.39 -20.16
CA LEU C 179 -0.73 -22.23 -19.32
C LEU C 179 -0.38 -23.61 -18.73
N ALA C 180 0.88 -24.01 -18.85
CA ALA C 180 1.18 -25.40 -18.59
C ALA C 180 1.60 -25.67 -17.15
N THR C 181 1.84 -24.61 -16.39
CA THR C 181 2.15 -24.77 -14.97
C THR C 181 2.10 -23.45 -14.21
N ASN C 182 2.00 -23.58 -12.89
CA ASN C 182 2.21 -22.48 -11.97
C ASN C 182 3.19 -23.03 -10.96
N GLN C 183 4.44 -22.62 -11.11
CA GLN C 183 5.52 -23.10 -10.27
C GLN C 183 5.43 -22.42 -8.90
N VAL C 184 5.24 -23.22 -7.85
CA VAL C 184 4.98 -22.62 -6.54
C VAL C 184 5.71 -23.30 -5.39
N GLU C 185 5.76 -22.62 -4.25
CA GLU C 185 6.47 -23.14 -3.08
C GLU C 185 5.62 -24.10 -2.27
N ILE C 186 6.13 -25.33 -2.07
CA ILE C 186 5.42 -26.36 -1.30
C ILE C 186 6.37 -27.20 -0.46
N SER C 187 6.11 -27.23 0.85
CA SER C 187 6.88 -28.08 1.77
C SER C 187 6.12 -28.19 3.07
N PRO C 188 6.51 -29.13 3.95
CA PRO C 188 5.88 -29.14 5.27
C PRO C 188 6.16 -27.83 6.03
N VAL C 189 7.23 -27.15 5.64
CA VAL C 189 7.67 -25.90 6.26
C VAL C 189 6.89 -24.69 5.73
N HIS C 190 6.31 -24.84 4.55
CA HIS C 190 5.57 -23.75 3.93
C HIS C 190 4.31 -24.31 3.28
N GLN C 191 3.19 -24.25 4.00
CA GLN C 191 1.96 -24.92 3.58
C GLN C 191 0.74 -24.05 3.19
N PRO C 192 0.89 -22.71 3.05
CA PRO C 192 -0.39 -22.00 2.86
C PRO C 192 -1.09 -22.33 1.54
N LEU C 193 -0.35 -22.75 0.53
CA LEU C 193 -0.97 -22.97 -0.77
C LEU C 193 -1.88 -24.21 -0.78
N LEU C 194 -1.77 -25.02 0.26
CA LEU C 194 -2.60 -26.21 0.39
C LEU C 194 -4.07 -25.85 0.53
N LEU C 195 -4.32 -24.70 1.15
CA LEU C 195 -5.69 -24.33 1.49
C LEU C 195 -6.10 -22.94 0.98
N ASP C 196 -5.19 -22.20 0.34
CA ASP C 196 -5.56 -20.84 -0.07
C ASP C 196 -6.15 -20.74 -1.48
N GLY C 197 -6.28 -21.86 -2.18
CA GLY C 197 -6.93 -21.85 -3.48
C GLY C 197 -5.98 -22.02 -4.64
N THR C 198 -4.69 -21.85 -4.38
CA THR C 198 -3.71 -21.99 -5.44
C THR C 198 -3.71 -23.41 -5.99
N LEU C 199 -3.60 -24.39 -5.09
CA LEU C 199 -3.52 -25.79 -5.48
C LEU C 199 -4.89 -26.36 -5.86
N ASP C 200 -5.96 -25.79 -5.30
CA ASP C 200 -7.31 -26.15 -5.72
C ASP C 200 -7.53 -25.83 -7.18
N GLN C 201 -7.15 -24.61 -7.59
CA GLN C 201 -7.29 -24.19 -8.97
C GLN C 201 -6.50 -25.10 -9.92
N LEU C 202 -5.29 -25.46 -9.53
CA LEU C 202 -4.43 -26.28 -10.40
C LEU C 202 -5.02 -27.68 -10.56
N GLN C 203 -5.44 -28.29 -9.46
CA GLN C 203 -6.12 -29.58 -9.54
C GLN C 203 -7.38 -29.47 -10.42
N GLN C 204 -8.12 -28.39 -10.28
CA GLN C 204 -9.38 -28.25 -11.02
C GLN C 204 -9.10 -28.21 -12.52
N LEU C 205 -8.08 -27.45 -12.90
CA LEU C 205 -7.71 -27.29 -14.31
C LEU C 205 -6.87 -28.44 -14.84
N ARG C 206 -6.54 -29.40 -13.98
CA ARG C 206 -5.67 -30.54 -14.31
C ARG C 206 -4.28 -30.09 -14.79
N ILE C 207 -3.79 -29.04 -14.15
CA ILE C 207 -2.45 -28.51 -14.40
C ILE C 207 -1.58 -28.83 -13.21
N ARG C 208 -0.45 -29.47 -13.45
CA ARG C 208 0.42 -29.89 -12.37
C ARG C 208 1.49 -28.84 -12.06
N PRO C 209 1.61 -28.46 -10.79
CA PRO C 209 2.63 -27.46 -10.43
C PRO C 209 4.02 -28.05 -10.31
N MET C 210 5.03 -27.30 -10.74
CA MET C 210 6.41 -27.58 -10.34
C MET C 210 6.61 -26.98 -8.96
N ALA C 211 7.21 -27.74 -8.05
CA ALA C 211 7.29 -27.31 -6.66
C ALA C 211 8.73 -26.94 -6.29
N TRP C 212 8.91 -25.71 -5.82
CA TRP C 212 10.24 -25.30 -5.38
C TRP C 212 10.31 -25.13 -3.86
N SER C 213 11.53 -25.07 -3.35
CA SER C 213 11.82 -25.07 -1.91
C SER C 213 11.20 -26.25 -1.17
N CYS C 214 11.30 -27.42 -1.79
CA CYS C 214 10.70 -28.63 -1.25
C CYS C 214 11.21 -29.00 0.13
N LEU C 215 12.45 -28.62 0.43
CA LEU C 215 13.05 -28.92 1.73
C LEU C 215 13.14 -27.68 2.63
N GLY C 216 12.23 -26.74 2.41
CA GLY C 216 12.09 -25.59 3.28
C GLY C 216 13.11 -24.49 3.02
N GLY C 217 13.66 -24.47 1.81
CA GLY C 217 14.62 -23.44 1.44
C GLY C 217 15.88 -23.49 2.29
N GLY C 218 16.24 -24.69 2.74
CA GLY C 218 17.44 -24.85 3.57
C GLY C 218 17.13 -25.02 5.05
N ARG C 219 15.94 -24.62 5.47
CA ARG C 219 15.63 -24.58 6.90
C ARG C 219 15.59 -25.97 7.56
N LEU C 220 15.11 -26.97 6.83
CA LEU C 220 14.95 -28.31 7.40
C LEU C 220 16.25 -28.81 8.00
N PHE C 221 17.35 -28.57 7.28
CA PHE C 221 18.66 -29.01 7.74
C PHE C 221 19.47 -27.93 8.45
N ASN C 222 19.31 -26.67 8.04
CA ASN C 222 20.18 -25.61 8.50
C ASN C 222 19.61 -24.69 9.56
N ASP C 223 18.34 -24.89 9.90
CA ASP C 223 17.73 -24.06 10.93
C ASP C 223 17.58 -24.89 12.19
N GLU C 224 18.38 -24.55 13.21
CA GLU C 224 18.39 -25.22 14.50
C GLU C 224 16.98 -25.44 15.05
N ALA C 225 16.08 -24.52 14.70
CA ALA C 225 14.70 -24.53 15.21
C ALA C 225 13.82 -25.62 14.60
N TYR C 226 14.32 -26.28 13.57
N TYR C 226 14.26 -26.24 13.52
CA TYR C 226 13.61 -27.40 12.96
CA TYR C 226 13.37 -27.15 12.79
C TYR C 226 14.29 -28.75 13.25
C TYR C 226 13.59 -28.62 13.09
N GLN C 227 15.33 -28.73 14.06
N GLN C 227 14.04 -28.91 14.31
CA GLN C 227 16.03 -29.98 14.40
CA GLN C 227 14.13 -30.28 14.78
C GLN C 227 15.12 -30.97 15.15
C GLN C 227 12.78 -30.96 15.06
N PRO C 228 14.29 -30.50 16.10
N PRO C 228 11.71 -30.20 15.39
CA PRO C 228 13.35 -31.48 16.66
CA PRO C 228 10.45 -30.96 15.50
C PRO C 228 12.34 -32.01 15.63
C PRO C 228 10.09 -31.61 14.17
N LEU C 229 11.92 -31.17 14.69
N LEU C 229 10.40 -30.93 13.07
CA LEU C 229 11.00 -31.60 13.65
CA LEU C 229 10.24 -31.53 11.76
C LEU C 229 11.71 -32.58 12.72
C LEU C 229 11.26 -32.63 11.54
N ARG C 230 12.93 -32.24 12.35
N ARG C 230 12.53 -32.32 11.74
CA ARG C 230 13.75 -33.10 11.53
CA ARG C 230 13.63 -33.23 11.39
C ARG C 230 13.78 -34.52 12.09
C ARG C 230 13.60 -34.58 12.10
N GLN C 231 13.75 -34.62 13.41
CA GLN C 231 13.80 -35.90 14.11
C GLN C 231 12.45 -36.63 14.15
N GLU C 232 11.34 -35.91 13.95
CA GLU C 232 10.05 -36.59 13.78
C GLU C 232 9.94 -37.17 12.36
N LEU C 233 10.55 -36.50 11.40
CA LEU C 233 10.66 -37.05 10.05
C LEU C 233 11.52 -38.34 10.07
N SER C 234 12.49 -38.39 10.97
CA SER C 234 13.36 -39.57 11.07
C SER C 234 12.61 -40.76 11.65
N VAL C 235 11.64 -40.49 12.51
CA VAL C 235 10.81 -41.54 13.09
C VAL C 235 9.92 -42.16 12.01
N ILE C 236 9.33 -41.30 11.19
CA ILE C 236 8.48 -41.78 10.11
C ILE C 236 9.31 -42.44 9.00
N ALA C 237 10.53 -41.95 8.81
CA ALA C 237 11.46 -42.60 7.89
C ALA C 237 11.69 -44.04 8.31
N GLN C 238 12.04 -44.24 9.58
CA GLN C 238 12.26 -45.59 10.11
C GLN C 238 11.04 -46.47 9.91
N GLU C 239 9.86 -45.94 10.17
CA GLU C 239 8.61 -46.67 9.96
C GLU C 239 8.47 -47.12 8.51
N LEU C 240 8.98 -46.33 7.59
CA LEU C 240 8.84 -46.62 6.16
C LEU C 240 10.07 -47.34 5.59
N ASN C 241 11.07 -47.55 6.44
CA ASN C 241 12.37 -48.06 6.02
C ASN C 241 12.97 -47.19 4.92
N ALA C 242 12.74 -45.88 5.04
CA ALA C 242 13.31 -44.91 4.11
C ALA C 242 14.77 -44.61 4.46
N SER C 243 15.60 -44.54 3.43
CA SER C 243 17.02 -44.28 3.58
C SER C 243 17.34 -42.95 4.26
N SER C 244 16.44 -41.98 4.11
CA SER C 244 16.72 -40.62 4.57
C SER C 244 15.43 -39.83 4.74
N ILE C 245 15.50 -38.68 5.38
CA ILE C 245 14.29 -37.89 5.58
C ILE C 245 13.89 -37.11 4.33
N GLU C 246 14.85 -36.84 3.44
CA GLU C 246 14.54 -36.16 2.18
C GLU C 246 13.50 -36.95 1.42
N GLN C 247 13.64 -38.28 1.44
CA GLN C 247 12.68 -39.16 0.80
C GLN C 247 11.29 -39.00 1.36
N VAL C 248 11.21 -38.85 2.67
CA VAL C 248 9.93 -38.70 3.35
C VAL C 248 9.27 -37.38 2.94
N VAL C 249 10.04 -36.30 2.97
CA VAL C 249 9.52 -34.98 2.57
C VAL C 249 9.05 -34.98 1.11
N TYR C 250 9.85 -35.52 0.20
CA TYR C 250 9.44 -35.60 -1.21
C TYR C 250 8.16 -36.43 -1.37
N ALA C 251 8.06 -37.53 -0.63
CA ALA C 251 6.90 -38.40 -0.68
C ALA C 251 5.67 -37.65 -0.20
N TRP C 252 5.87 -36.80 0.80
CA TRP C 252 4.82 -35.97 1.39
C TRP C 252 4.24 -35.00 0.36
N ILE C 253 5.13 -34.40 -0.42
CA ILE C 253 4.76 -33.48 -1.48
C ILE C 253 4.05 -34.19 -2.63
N LEU C 254 4.59 -35.34 -3.04
CA LEU C 254 4.01 -36.14 -4.11
C LEU C 254 2.58 -36.60 -3.80
N ARG C 255 2.29 -36.74 -2.51
CA ARG C 255 0.99 -37.24 -2.05
C ARG C 255 -0.15 -36.23 -2.33
N LEU C 256 0.21 -34.97 -2.52
CA LEU C 256 -0.79 -33.92 -2.80
C LEU C 256 -1.57 -34.22 -4.07
N PRO C 257 -2.89 -34.00 -4.04
CA PRO C 257 -3.74 -34.31 -5.20
C PRO C 257 -3.58 -33.33 -6.39
N SER C 258 -2.84 -32.24 -6.23
CA SER C 258 -2.43 -31.46 -7.42
C SER C 258 -1.30 -32.17 -8.19
N GLN C 259 -0.73 -33.20 -7.57
CA GLN C 259 0.32 -34.02 -8.17
C GLN C 259 1.54 -33.21 -8.63
N PRO C 260 2.21 -32.53 -7.69
CA PRO C 260 3.35 -31.67 -8.00
C PRO C 260 4.56 -32.41 -8.56
N LEU C 261 5.38 -31.69 -9.33
CA LEU C 261 6.68 -32.14 -9.81
C LEU C 261 7.75 -31.45 -8.97
N PRO C 262 8.38 -32.19 -8.04
CA PRO C 262 9.41 -31.59 -7.17
C PRO C 262 10.67 -31.19 -7.92
N ILE C 263 11.15 -29.97 -7.65
CA ILE C 263 12.42 -29.51 -8.20
C ILE C 263 13.53 -29.81 -7.23
N ILE C 264 14.51 -30.60 -7.67
CA ILE C 264 15.67 -30.95 -6.87
C ILE C 264 16.76 -29.93 -7.18
N GLY C 265 17.44 -29.43 -6.15
CA GLY C 265 18.45 -28.41 -6.35
C GLY C 265 19.86 -28.78 -5.98
N SER C 266 20.07 -30.05 -5.61
CA SER C 266 21.38 -30.50 -5.16
C SER C 266 22.28 -30.91 -6.33
N GLY C 267 23.51 -30.38 -6.34
CA GLY C 267 24.48 -30.72 -7.37
C GLY C 267 25.19 -32.03 -7.10
N LYS C 268 24.69 -32.78 -6.12
CA LYS C 268 25.27 -34.08 -5.78
C LYS C 268 24.38 -35.22 -6.28
N ILE C 269 24.90 -36.02 -7.21
CA ILE C 269 24.09 -37.05 -7.85
C ILE C 269 23.64 -38.10 -6.84
N GLU C 270 24.41 -38.25 -5.77
CA GLU C 270 24.03 -39.09 -4.65
C GLU C 270 22.68 -38.67 -4.08
N ARG C 271 22.50 -37.36 -3.88
CA ARG C 271 21.29 -36.82 -3.28
C ARG C 271 20.10 -36.81 -4.25
N VAL C 272 20.38 -36.60 -5.53
CA VAL C 272 19.36 -36.76 -6.57
C VAL C 272 18.80 -38.18 -6.57
N ARG C 273 19.67 -39.17 -6.52
CA ARG C 273 19.27 -40.57 -6.49
C ARG C 273 18.40 -40.84 -5.28
N ALA C 274 18.78 -40.27 -4.14
CA ALA C 274 18.03 -40.43 -2.90
C ALA C 274 16.70 -39.71 -2.96
N ALA C 275 16.55 -38.79 -3.90
CA ALA C 275 15.28 -38.10 -4.05
C ALA C 275 14.30 -38.98 -4.81
N LEU C 276 14.79 -39.62 -5.86
CA LEU C 276 13.94 -40.38 -6.78
C LEU C 276 13.30 -41.60 -6.12
N GLU C 277 13.90 -42.06 -5.04
CA GLU C 277 13.38 -43.22 -4.30
C GLU C 277 12.05 -42.92 -3.61
N ALA C 278 11.67 -41.64 -3.53
CA ALA C 278 10.41 -41.26 -2.91
C ALA C 278 9.20 -41.78 -3.70
N GLU C 279 9.38 -41.97 -5.01
CA GLU C 279 8.31 -42.50 -5.87
C GLU C 279 7.75 -43.85 -5.40
N THR C 280 8.56 -44.61 -4.65
CA THR C 280 8.15 -45.95 -4.22
C THR C 280 7.71 -46.02 -2.76
N LEU C 281 7.72 -44.89 -2.07
CA LEU C 281 7.35 -44.82 -0.66
C LEU C 281 5.84 -44.81 -0.43
N SER C 282 5.39 -45.64 0.51
CA SER C 282 3.97 -45.76 0.85
C SER C 282 3.57 -44.87 2.02
N LEU C 283 3.49 -43.56 1.79
CA LEU C 283 3.10 -42.65 2.85
C LEU C 283 1.60 -42.76 3.11
N THR C 284 1.22 -43.18 4.31
CA THR C 284 -0.19 -43.26 4.68
C THR C 284 -0.76 -41.88 5.00
N ARG C 285 -2.09 -41.80 5.16
CA ARG C 285 -2.71 -40.52 5.53
C ARG C 285 -2.24 -40.07 6.91
N GLN C 286 -2.23 -40.97 7.89
CA GLN C 286 -1.86 -40.58 9.24
C GLN C 286 -0.41 -40.12 9.29
N GLN C 287 0.44 -40.73 8.48
CA GLN C 287 1.83 -40.30 8.39
C GLN C 287 1.91 -38.93 7.76
N TRP C 288 1.13 -38.69 6.72
CA TRP C 288 1.10 -37.39 6.07
C TRP C 288 0.64 -36.33 7.06
N PHE C 289 -0.38 -36.66 7.85
CA PHE C 289 -0.95 -35.67 8.76
C PHE C 289 -0.06 -35.45 9.98
N ARG C 290 0.61 -36.51 10.41
CA ARG C 290 1.60 -36.42 11.48
C ARG C 290 2.74 -35.49 11.08
N ILE C 291 3.19 -35.62 9.84
CA ILE C 291 4.18 -34.70 9.27
C ILE C 291 3.68 -33.26 9.27
N ARG C 292 2.50 -33.05 8.72
CA ARG C 292 1.90 -31.71 8.66
C ARG C 292 1.93 -31.05 10.04
N LYS C 293 1.48 -31.80 11.05
CA LYS C 293 1.32 -31.29 12.40
C LYS C 293 2.65 -31.06 13.10
N ALA C 294 3.61 -31.94 12.86
CA ALA C 294 4.95 -31.75 13.41
C ALA C 294 5.54 -30.43 12.91
N ALA C 295 5.23 -30.09 11.66
CA ALA C 295 5.72 -28.87 11.02
C ALA C 295 5.00 -27.59 11.48
N LEU C 296 3.72 -27.70 11.81
CA LEU C 296 2.95 -26.53 12.25
C LEU C 296 2.96 -26.38 13.77
N GLY C 297 2.79 -27.50 14.47
CA GLY C 297 2.61 -27.50 15.91
C GLY C 297 1.15 -27.69 16.27
N TYR C 298 0.32 -27.72 15.22
CA TYR C 298 -1.13 -27.91 15.25
C TYR C 298 -1.71 -28.22 16.63
#